data_8BKE
#
_entry.id   8BKE
#
_cell.length_a   38.340
_cell.length_b   140.985
_cell.length_c   81.925
_cell.angle_alpha   90.000
_cell.angle_beta   102.633
_cell.angle_gamma   90.000
#
_symmetry.space_group_name_H-M   'P 1 21 1'
#
loop_
_entity.id
_entity.type
_entity.pdbx_description
1 polymer 'Uncharacterized protein 57'
2 water water
#
_entity_poly.entity_id   1
_entity_poly.type   'polypeptide(L)'
_entity_poly.pdbx_seq_one_letter_code
;MALTKLVDAGAWQVEVAPAGTVQDSLVFLSPRNFGGVPGTGVDSVAAIEAALAAGDVDLGGEHWFISRPIYCVSGRTIQN
GKISTLAAQGSGFMAGSIFAPGNYHPVYVDPVPKLACSSTNGSATITVSSHEFVVGDLVRLSSTRGIIGSDAVLVPWYMQ
LARVVGVSGDTVKLDAPIDTTETLVVHKATPAGYNARFNKPLFVLERATFRNIEVDTWDYWTADSATFECAFEGIRGKAR
SVVYGNTFCRTNFDNIDITFSNKASEMAFGSHDTNLSNIKFRADSQNWDSTNSVGISWAESGRRCTLDNWQLLVPQGVNL
SVLVRISSHRDVQIRKGFIQVHSSSNNILSVEHYGGDRPPCNNILFEDIDVNATGAAAVVVDVYKSANDSAINAVRFEGI
SYRGATPSVALMRQRGTTSNQVTGVRASLYSANGGAFLVSSAMAWDVRLYGPGLQVPAAVAVLGRTAVLSASRSNLHALR
WVTEAIIGVTSTTPGNVLREAVIPAGTLRASDYIDFVISGSTGGATSTKDVLVGVLDSGSNFQGVGFTAPTTEESYYTVQ
GRISFPTTGNCLITATIGRAGVGVSYARTLVSISNYTTNDVKLQVQAWVGSSAGSLSVQHGCFAPSELTGKGHHHHHH
;
_entity_poly.pdbx_strand_id   AAA,BBB
#
# COMPACT_ATOMS: atom_id res chain seq x y z
N VAL A 27 -23.47 -8.08 2.12
CA VAL A 27 -24.68 -8.56 2.83
C VAL A 27 -25.45 -7.37 3.43
N PHE A 28 -24.83 -6.54 4.28
CA PHE A 28 -25.54 -5.68 5.26
C PHE A 28 -25.67 -4.24 4.75
N LEU A 29 -24.61 -3.62 4.22
CA LEU A 29 -24.58 -2.17 3.85
C LEU A 29 -24.66 -2.01 2.34
N SER A 30 -25.19 -0.87 1.88
CA SER A 30 -25.27 -0.46 0.45
C SER A 30 -24.26 0.64 0.14
N PRO A 31 -23.61 0.64 -1.04
CA PRO A 31 -22.85 1.80 -1.49
C PRO A 31 -23.64 3.12 -1.47
N ARG A 32 -24.95 3.03 -1.69
CA ARG A 32 -25.89 4.19 -1.63
C ARG A 32 -25.70 4.91 -0.30
N ASN A 33 -25.52 4.16 0.80
CA ASN A 33 -25.28 4.70 2.17
C ASN A 33 -23.98 5.54 2.23
N PHE A 34 -23.03 5.34 1.31
CA PHE A 34 -21.75 6.10 1.22
C PHE A 34 -21.69 6.96 -0.06
N GLY A 35 -22.85 7.40 -0.54
CA GLY A 35 -22.96 8.36 -1.67
C GLY A 35 -22.82 7.71 -3.06
N GLY A 36 -22.93 6.38 -3.15
CA GLY A 36 -22.83 5.63 -4.43
C GLY A 36 -24.12 5.71 -5.27
N VAL A 37 -23.99 6.06 -6.54
CA VAL A 37 -25.13 6.19 -7.49
C VAL A 37 -25.01 5.11 -8.58
N PRO A 38 -25.94 4.14 -8.59
CA PRO A 38 -25.97 3.14 -9.66
C PRO A 38 -26.86 3.55 -10.85
N GLY A 39 -26.62 2.91 -11.99
CA GLY A 39 -27.59 2.85 -13.09
C GLY A 39 -27.51 4.02 -14.05
N THR A 40 -26.56 4.94 -13.87
CA THR A 40 -26.47 6.20 -14.65
C THR A 40 -25.05 6.44 -15.17
N GLY A 41 -24.17 5.44 -15.06
CA GLY A 41 -22.84 5.46 -15.65
C GLY A 41 -21.90 6.42 -14.95
N VAL A 42 -22.17 6.77 -13.69
CA VAL A 42 -21.25 7.59 -12.85
C VAL A 42 -20.40 6.66 -11.99
N ASP A 43 -19.19 7.11 -11.64
CA ASP A 43 -18.21 6.31 -10.87
C ASP A 43 -18.74 6.14 -9.44
N SER A 44 -18.70 4.91 -8.93
CA SER A 44 -19.09 4.58 -7.54
C SER A 44 -17.95 3.89 -6.80
N VAL A 45 -16.73 3.79 -7.36
CA VAL A 45 -15.64 2.95 -6.75
C VAL A 45 -15.41 3.40 -5.31
N ALA A 46 -15.32 4.71 -5.07
CA ALA A 46 -15.00 5.24 -3.75
C ALA A 46 -16.10 4.81 -2.78
N ALA A 47 -17.36 4.92 -3.20
CA ALA A 47 -18.52 4.58 -2.37
C ALA A 47 -18.41 3.11 -1.98
N ILE A 48 -18.13 2.22 -2.92
CA ILE A 48 -18.06 0.73 -2.69
C ILE A 48 -16.95 0.47 -1.66
N GLU A 49 -15.78 1.04 -1.92
CA GLU A 49 -14.62 0.91 -1.02
C GLU A 49 -14.95 1.47 0.37
N ALA A 50 -15.75 2.54 0.46
CA ALA A 50 -16.12 3.12 1.77
C ALA A 50 -16.99 2.11 2.54
N ALA A 51 -17.97 1.50 1.87
CA ALA A 51 -18.86 0.50 2.50
C ALA A 51 -18.01 -0.70 2.88
N LEU A 52 -17.12 -1.14 2.00
CA LEU A 52 -16.25 -2.32 2.27
C LEU A 52 -15.48 -2.10 3.59
N ALA A 53 -15.03 -0.88 3.85
CA ALA A 53 -14.32 -0.52 5.11
C ALA A 53 -15.28 -0.68 6.30
N ALA A 54 -16.56 -0.30 6.14
CA ALA A 54 -17.57 -0.35 7.22
C ALA A 54 -18.10 -1.76 7.43
N GLY A 55 -18.40 -2.49 6.36
CA GLY A 55 -18.97 -3.84 6.55
C GLY A 55 -19.12 -4.60 5.25
N ASP A 56 -19.97 -5.63 5.32
CA ASP A 56 -20.38 -6.43 4.15
C ASP A 56 -21.25 -5.52 3.29
N VAL A 57 -21.27 -5.80 1.99
CA VAL A 57 -21.81 -4.93 0.91
C VAL A 57 -22.77 -5.74 0.05
N ASP A 58 -24.01 -5.24 -0.04
CA ASP A 58 -25.10 -5.78 -0.87
C ASP A 58 -25.35 -4.73 -1.94
N LEU A 59 -25.13 -5.10 -3.19
CA LEU A 59 -25.20 -4.16 -4.35
C LEU A 59 -26.65 -3.98 -4.80
N GLY A 60 -27.61 -4.56 -4.05
CA GLY A 60 -29.04 -4.22 -4.16
C GLY A 60 -29.67 -4.74 -5.44
N GLY A 61 -28.98 -5.63 -6.14
CA GLY A 61 -29.33 -6.12 -7.48
C GLY A 61 -29.31 -5.00 -8.50
N GLU A 62 -28.53 -3.94 -8.28
CA GLU A 62 -28.44 -2.76 -9.18
C GLU A 62 -27.13 -2.86 -9.99
N HIS A 63 -26.96 -1.93 -10.93
CA HIS A 63 -25.83 -1.86 -11.90
C HIS A 63 -24.86 -0.75 -11.46
N TRP A 64 -23.65 -1.13 -11.06
CA TRP A 64 -22.62 -0.20 -10.55
C TRP A 64 -21.53 -0.01 -11.62
N PHE A 65 -20.99 1.20 -11.65
CA PHE A 65 -19.95 1.62 -12.61
C PHE A 65 -18.74 2.10 -11.82
N ILE A 66 -17.57 1.55 -12.15
CA ILE A 66 -16.28 1.85 -11.45
C ILE A 66 -15.24 2.34 -12.45
N SER A 67 -14.44 3.32 -12.05
CA SER A 67 -13.40 3.96 -12.90
C SER A 67 -12.10 3.16 -12.82
N ARG A 68 -12.03 2.19 -11.90
CA ARG A 68 -10.81 1.41 -11.59
C ARG A 68 -11.21 0.23 -10.71
N PRO A 69 -10.38 -0.82 -10.57
CA PRO A 69 -10.75 -1.97 -9.75
C PRO A 69 -11.04 -1.56 -8.31
N ILE A 70 -12.08 -2.19 -7.77
CA ILE A 70 -12.36 -2.19 -6.31
C ILE A 70 -11.19 -2.90 -5.62
N TYR A 71 -10.58 -2.20 -4.67
CA TYR A 71 -9.59 -2.75 -3.71
C TYR A 71 -10.34 -3.40 -2.56
N CYS A 72 -10.20 -4.73 -2.48
CA CYS A 72 -11.01 -5.57 -1.58
C CYS A 72 -10.47 -5.50 -0.16
N VAL A 73 -11.32 -5.89 0.81
CA VAL A 73 -11.04 -5.77 2.26
C VAL A 73 -11.19 -7.16 2.86
N SER A 74 -10.18 -7.63 3.58
CA SER A 74 -10.17 -8.94 4.25
C SER A 74 -11.38 -9.04 5.19
N GLY A 75 -12.04 -10.19 5.12
CA GLY A 75 -13.17 -10.57 5.99
C GLY A 75 -14.50 -10.07 5.46
N ARG A 76 -14.56 -9.52 4.24
CA ARG A 76 -15.80 -8.89 3.72
C ARG A 76 -16.46 -9.81 2.70
N THR A 77 -17.78 -9.71 2.64
CA THR A 77 -18.62 -10.30 1.57
C THR A 77 -19.11 -9.16 0.68
N ILE A 78 -18.96 -9.30 -0.63
CA ILE A 78 -19.66 -8.40 -1.59
C ILE A 78 -20.56 -9.29 -2.42
N GLN A 79 -21.80 -8.84 -2.63
CA GLN A 79 -22.81 -9.69 -3.29
C GLN A 79 -23.88 -8.85 -3.97
N ASN A 80 -24.53 -9.51 -4.93
CA ASN A 80 -25.90 -9.24 -5.42
C ASN A 80 -25.93 -7.98 -6.29
N GLY A 81 -25.19 -7.94 -7.39
CA GLY A 81 -25.35 -6.85 -8.37
C GLY A 81 -24.45 -7.00 -9.57
N LYS A 82 -24.42 -5.99 -10.43
CA LYS A 82 -23.58 -5.96 -11.65
C LYS A 82 -22.59 -4.80 -11.57
N ILE A 83 -21.34 -5.06 -11.95
CA ILE A 83 -20.23 -4.09 -11.97
C ILE A 83 -19.63 -4.02 -13.36
N SER A 84 -19.71 -2.84 -13.98
CA SER A 84 -19.06 -2.49 -15.28
C SER A 84 -17.91 -1.51 -15.05
N THR A 85 -16.81 -1.69 -15.76
CA THR A 85 -15.70 -0.71 -15.84
C THR A 85 -16.13 0.47 -16.71
N LEU A 86 -15.63 1.67 -16.36
CA LEU A 86 -15.79 2.92 -17.14
C LEU A 86 -14.51 3.18 -17.93
N ALA A 87 -13.44 2.40 -17.69
CA ALA A 87 -12.13 2.63 -18.33
C ALA A 87 -12.19 2.22 -19.80
N ALA A 88 -11.51 2.97 -20.68
CA ALA A 88 -11.44 2.71 -22.13
C ALA A 88 -10.57 1.48 -22.37
N GLN A 89 -10.98 0.57 -23.26
CA GLN A 89 -10.08 -0.53 -23.72
C GLN A 89 -8.72 0.13 -24.01
N GLY A 90 -7.62 -0.54 -23.65
CA GLY A 90 -6.23 -0.05 -23.79
C GLY A 90 -5.93 1.16 -22.91
N SER A 91 -6.61 1.30 -21.76
CA SER A 91 -6.29 2.30 -20.72
C SER A 91 -5.02 1.88 -19.97
N GLY A 92 -4.51 0.68 -20.25
CA GLY A 92 -3.34 0.10 -19.54
C GLY A 92 -3.75 -1.11 -18.72
N PHE A 93 -2.79 -1.99 -18.43
CA PHE A 93 -2.98 -3.29 -17.73
C PHE A 93 -3.70 -3.04 -16.39
N MET A 94 -4.83 -3.72 -16.21
CA MET A 94 -5.60 -3.77 -14.95
C MET A 94 -6.49 -2.52 -14.85
N ALA A 95 -6.44 -1.59 -15.82
CA ALA A 95 -7.28 -0.37 -15.81
C ALA A 95 -8.77 -0.76 -15.87
N GLY A 96 -9.10 -1.84 -16.58
CA GLY A 96 -10.51 -2.27 -16.77
C GLY A 96 -10.98 -3.32 -15.76
N SER A 97 -10.10 -3.72 -14.85
CA SER A 97 -10.33 -4.84 -13.88
C SER A 97 -11.45 -4.44 -12.93
N ILE A 98 -12.18 -5.43 -12.40
CA ILE A 98 -13.36 -5.21 -11.51
C ILE A 98 -12.88 -5.21 -10.06
N PHE A 99 -12.03 -6.16 -9.71
CA PHE A 99 -11.48 -6.30 -8.32
C PHE A 99 -9.95 -6.46 -8.37
N ALA A 100 -9.30 -5.88 -7.37
CA ALA A 100 -7.97 -6.28 -6.84
C ALA A 100 -8.21 -7.08 -5.56
N PRO A 101 -8.42 -8.42 -5.68
CA PRO A 101 -8.61 -9.34 -4.55
C PRO A 101 -7.17 -9.65 -4.17
N GLY A 102 -6.57 -8.77 -3.37
CA GLY A 102 -5.12 -8.85 -3.25
C GLY A 102 -4.56 -8.20 -4.50
N ASN A 103 -3.24 -8.17 -4.67
CA ASN A 103 -2.59 -7.43 -5.78
C ASN A 103 -1.17 -7.93 -5.99
N TYR A 104 -0.87 -9.20 -5.73
CA TYR A 104 0.49 -9.76 -5.95
C TYR A 104 0.72 -9.70 -7.46
N HIS A 105 1.94 -9.32 -7.81
CA HIS A 105 2.57 -9.56 -9.13
C HIS A 105 4.03 -9.84 -8.84
N PRO A 106 4.71 -10.77 -9.53
CA PRO A 106 6.08 -11.11 -9.16
C PRO A 106 7.00 -9.88 -9.02
N VAL A 107 6.78 -8.79 -9.75
CA VAL A 107 7.73 -7.63 -9.72
C VAL A 107 7.62 -6.98 -8.33
N TYR A 108 6.42 -6.86 -7.77
CA TYR A 108 6.24 -6.18 -6.45
C TYR A 108 6.57 -7.12 -5.29
N VAL A 109 6.62 -8.43 -5.53
CA VAL A 109 6.90 -9.42 -4.47
C VAL A 109 8.43 -9.55 -4.37
N ASP A 110 9.11 -9.37 -5.49
CA ASP A 110 10.58 -9.57 -5.65
C ASP A 110 11.39 -8.71 -4.67
N PRO A 111 11.16 -7.38 -4.54
CA PRO A 111 11.97 -6.56 -3.64
C PRO A 111 11.59 -6.65 -2.15
N VAL A 112 10.56 -7.40 -1.79
CA VAL A 112 10.21 -7.56 -0.34
C VAL A 112 11.38 -8.29 0.31
N PRO A 113 11.99 -7.77 1.38
CA PRO A 113 13.06 -8.50 2.05
C PRO A 113 12.46 -9.78 2.67
N LYS A 114 13.20 -10.89 2.55
CA LYS A 114 12.72 -12.23 2.95
C LYS A 114 13.79 -12.84 3.84
N LEU A 115 13.41 -13.43 4.97
CA LEU A 115 14.35 -13.98 5.98
C LEU A 115 14.63 -15.45 5.65
N ALA A 116 15.89 -15.87 5.80
CA ALA A 116 16.28 -17.30 5.84
C ALA A 116 15.48 -17.98 6.94
N CYS A 117 15.14 -19.24 6.73
CA CYS A 117 14.48 -20.07 7.75
C CYS A 117 14.91 -21.52 7.54
N SER A 118 14.87 -22.30 8.61
CA SER A 118 14.99 -23.78 8.59
C SER A 118 13.58 -24.32 8.51
N SER A 119 13.42 -25.41 7.79
CA SER A 119 12.13 -26.04 7.48
C SER A 119 12.44 -27.48 7.14
N THR A 120 11.46 -28.36 7.30
CA THR A 120 11.61 -29.81 7.02
C THR A 120 10.37 -30.26 6.25
N ASN A 121 10.58 -30.91 5.11
CA ASN A 121 9.51 -31.54 4.30
C ASN A 121 8.63 -32.37 5.25
N GLY A 122 7.31 -32.10 5.27
CA GLY A 122 6.31 -32.80 6.09
C GLY A 122 6.04 -32.10 7.43
N SER A 123 6.77 -31.05 7.76
CA SER A 123 6.68 -30.38 9.10
C SER A 123 6.10 -28.97 8.96
N ALA A 124 5.20 -28.60 9.88
CA ALA A 124 4.56 -27.26 9.99
C ALA A 124 5.35 -26.37 10.96
N THR A 125 6.59 -26.75 11.28
CA THR A 125 7.50 -25.97 12.17
C THR A 125 8.65 -25.37 11.35
N ILE A 126 8.88 -24.07 11.48
CA ILE A 126 10.08 -23.38 10.93
C ILE A 126 10.80 -22.63 12.06
N THR A 127 12.10 -22.45 11.89
CA THR A 127 12.97 -21.58 12.71
C THR A 127 13.41 -20.38 11.84
N VAL A 128 13.22 -19.16 12.35
CA VAL A 128 13.52 -17.88 11.66
C VAL A 128 14.16 -16.91 12.67
N SER A 129 15.47 -16.71 12.61
CA SER A 129 16.21 -15.71 13.43
C SER A 129 15.59 -14.34 13.18
N SER A 130 15.26 -13.62 14.25
CA SER A 130 14.95 -12.17 14.26
C SER A 130 13.73 -11.89 13.39
N HIS A 131 12.74 -12.80 13.39
CA HIS A 131 11.41 -12.60 12.74
C HIS A 131 10.62 -11.61 13.59
N GLU A 132 9.50 -11.08 13.08
CA GLU A 132 8.51 -10.28 13.84
C GLU A 132 7.10 -10.79 13.53
N PHE A 133 6.93 -12.10 13.38
CA PHE A 133 5.61 -12.73 13.16
C PHE A 133 4.93 -12.85 14.52
N VAL A 134 3.64 -12.52 14.57
CA VAL A 134 2.74 -12.80 15.73
C VAL A 134 1.72 -13.86 15.29
N VAL A 135 1.19 -14.61 16.26
CA VAL A 135 0.10 -15.61 16.06
C VAL A 135 -1.01 -14.93 15.24
N GLY A 136 -1.55 -15.61 14.22
CA GLY A 136 -2.59 -15.07 13.33
C GLY A 136 -2.03 -14.46 12.05
N ASP A 137 -0.77 -14.04 12.02
CA ASP A 137 -0.19 -13.42 10.79
C ASP A 137 -0.17 -14.46 9.67
N LEU A 138 -0.66 -14.08 8.49
CA LEU A 138 -0.41 -14.87 7.27
C LEU A 138 1.03 -14.57 6.84
N VAL A 139 1.82 -15.60 6.48
CA VAL A 139 3.23 -15.50 5.99
C VAL A 139 3.36 -16.22 4.66
N ARG A 140 4.34 -15.80 3.87
CA ARG A 140 4.67 -16.40 2.57
C ARG A 140 6.03 -17.07 2.68
N LEU A 141 6.03 -18.37 2.43
CA LEU A 141 7.23 -19.22 2.35
C LEU A 141 7.54 -19.36 0.86
N SER A 142 8.78 -19.13 0.46
CA SER A 142 9.22 -19.38 -0.93
C SER A 142 10.65 -19.94 -0.93
N SER A 143 10.94 -20.77 -1.93
CA SER A 143 12.29 -21.28 -2.25
C SER A 143 13.11 -20.16 -2.92
N THR A 144 14.42 -20.18 -2.71
CA THR A 144 15.40 -19.31 -3.40
C THR A 144 15.68 -19.95 -4.76
N ARG A 145 15.57 -21.27 -4.85
CA ARG A 145 15.54 -21.96 -6.15
C ARG A 145 14.28 -21.52 -6.89
N GLY A 146 14.43 -21.26 -8.18
CA GLY A 146 13.33 -20.98 -9.12
C GLY A 146 13.93 -20.56 -10.44
N ILE A 147 13.11 -20.09 -11.36
CA ILE A 147 13.49 -19.53 -12.68
C ILE A 147 13.22 -18.04 -12.63
N ILE A 148 13.86 -17.30 -13.55
CA ILE A 148 13.48 -15.93 -13.95
C ILE A 148 12.37 -16.10 -14.97
N GLY A 149 11.21 -15.53 -14.70
CA GLY A 149 10.07 -15.76 -15.58
C GLY A 149 9.71 -14.59 -16.46
N SER A 150 8.45 -14.53 -16.83
CA SER A 150 7.98 -13.51 -17.80
C SER A 150 8.11 -12.09 -17.27
N ASP A 151 8.11 -11.92 -15.96
CA ASP A 151 8.26 -10.58 -15.34
C ASP A 151 9.73 -10.31 -15.06
N ALA A 152 10.62 -11.13 -15.60
CA ALA A 152 12.09 -10.94 -15.45
C ALA A 152 12.48 -11.01 -13.97
N VAL A 153 11.68 -11.72 -13.15
CA VAL A 153 11.94 -11.87 -11.69
C VAL A 153 11.80 -13.35 -11.30
N LEU A 154 12.23 -13.70 -10.09
CA LEU A 154 12.24 -15.10 -9.61
C LEU A 154 10.81 -15.60 -9.57
N VAL A 155 10.57 -16.75 -10.20
CA VAL A 155 9.40 -17.61 -9.90
C VAL A 155 9.90 -18.81 -9.12
N PRO A 156 9.72 -18.79 -7.78
CA PRO A 156 10.23 -19.85 -6.93
C PRO A 156 9.68 -21.22 -7.31
N TRP A 157 10.55 -22.22 -7.22
CA TRP A 157 10.23 -23.66 -7.37
C TRP A 157 9.07 -24.01 -6.43
N TYR A 158 9.02 -23.40 -5.26
CA TYR A 158 7.98 -23.67 -4.23
C TYR A 158 7.48 -22.37 -3.62
N MET A 159 6.15 -22.26 -3.48
CA MET A 159 5.50 -21.12 -2.79
C MET A 159 4.34 -21.63 -1.93
N GLN A 160 4.15 -21.04 -0.76
CA GLN A 160 3.06 -21.41 0.18
C GLN A 160 2.67 -20.18 1.01
N LEU A 161 1.38 -19.85 1.04
CA LEU A 161 0.82 -19.04 2.13
C LEU A 161 0.31 -19.99 3.24
N ALA A 162 0.52 -19.60 4.50
CA ALA A 162 0.09 -20.35 5.70
C ALA A 162 -0.01 -19.35 6.85
N ARG A 163 -0.83 -19.68 7.85
CA ARG A 163 -1.12 -18.79 9.00
C ARG A 163 -0.24 -19.22 10.16
N VAL A 164 0.35 -18.28 10.89
CA VAL A 164 1.16 -18.58 12.11
C VAL A 164 0.18 -18.94 13.24
N VAL A 165 0.32 -20.11 13.85
CA VAL A 165 -0.56 -20.54 14.98
C VAL A 165 0.24 -20.60 16.29
N GLY A 166 1.57 -20.49 16.27
CA GLY A 166 2.41 -20.49 17.48
C GLY A 166 3.71 -19.75 17.25
N VAL A 167 4.18 -19.00 18.25
CA VAL A 167 5.54 -18.37 18.22
C VAL A 167 6.15 -18.49 19.61
N SER A 168 7.38 -18.97 19.70
CA SER A 168 8.24 -18.88 20.92
C SER A 168 9.68 -18.67 20.48
N GLY A 169 10.27 -17.52 20.79
CA GLY A 169 11.57 -17.11 20.22
C GLY A 169 11.55 -17.28 18.70
N ASP A 170 12.53 -18.00 18.15
CA ASP A 170 12.71 -18.19 16.68
C ASP A 170 11.82 -19.33 16.18
N THR A 171 11.12 -20.03 17.07
CA THR A 171 10.22 -21.16 16.71
C THR A 171 8.88 -20.59 16.27
N VAL A 172 8.51 -20.87 15.02
CA VAL A 172 7.21 -20.48 14.40
C VAL A 172 6.46 -21.76 14.01
N LYS A 173 5.17 -21.84 14.36
CA LYS A 173 4.26 -22.98 14.04
C LYS A 173 3.21 -22.50 13.03
N LEU A 174 2.92 -23.34 12.06
CA LEU A 174 2.03 -23.01 10.91
C LEU A 174 0.84 -23.93 10.91
N ASP A 175 -0.25 -23.52 10.26
CA ASP A 175 -1.53 -24.26 10.21
C ASP A 175 -1.52 -25.26 9.04
N ALA A 176 -0.34 -25.49 8.44
CA ALA A 176 -0.14 -26.44 7.32
C ALA A 176 1.32 -26.84 7.25
N PRO A 177 1.62 -28.11 6.86
CA PRO A 177 3.00 -28.51 6.67
C PRO A 177 3.62 -27.85 5.43
N ILE A 178 4.94 -27.86 5.43
CA ILE A 178 5.81 -27.53 4.28
C ILE A 178 5.99 -28.81 3.47
N ASP A 179 5.73 -28.76 2.17
CA ASP A 179 5.69 -29.94 1.26
C ASP A 179 6.85 -29.85 0.27
N THR A 180 8.05 -29.54 0.74
CA THR A 180 9.27 -29.47 -0.10
C THR A 180 10.49 -29.70 0.79
N THR A 181 11.59 -30.14 0.19
CA THR A 181 12.90 -30.24 0.89
C THR A 181 13.74 -29.03 0.50
N GLU A 182 13.18 -28.13 -0.32
CA GLU A 182 13.90 -26.93 -0.83
C GLU A 182 14.13 -25.97 0.34
N THR A 183 15.26 -25.26 0.31
CA THR A 183 15.59 -24.13 1.20
C THR A 183 14.64 -22.97 0.90
N LEU A 184 13.96 -22.51 1.95
CA LEU A 184 12.91 -21.47 1.88
C LEU A 184 13.37 -20.22 2.63
N VAL A 185 12.78 -19.10 2.24
CA VAL A 185 12.84 -17.83 2.99
C VAL A 185 11.39 -17.46 3.28
N VAL A 186 11.15 -16.56 4.22
CA VAL A 186 9.75 -16.22 4.62
C VAL A 186 9.62 -14.72 4.82
N HIS A 187 8.43 -14.18 4.56
CA HIS A 187 8.07 -12.78 4.90
C HIS A 187 6.57 -12.71 5.15
N LYS A 188 6.15 -11.59 5.74
CA LYS A 188 4.72 -11.30 5.98
C LYS A 188 4.02 -11.23 4.63
N ALA A 189 2.95 -12.00 4.46
CA ALA A 189 2.12 -12.04 3.23
C ALA A 189 1.77 -10.60 2.82
N THR A 190 1.34 -9.81 3.79
CA THR A 190 1.01 -8.38 3.64
C THR A 190 2.11 -7.59 4.34
N PRO A 191 3.24 -7.27 3.66
CA PRO A 191 4.40 -6.65 4.31
C PRO A 191 4.29 -5.11 4.28
N ALA A 192 4.10 -4.49 5.44
CA ALA A 192 3.85 -3.03 5.58
C ALA A 192 5.02 -2.26 4.95
N GLY A 193 4.72 -1.21 4.18
CA GLY A 193 5.73 -0.31 3.58
C GLY A 193 6.01 -0.61 2.12
N TYR A 194 5.50 -1.74 1.60
CA TYR A 194 5.80 -2.27 0.24
C TYR A 194 4.56 -2.12 -0.64
N ASN A 195 4.73 -1.46 -1.79
CA ASN A 195 3.63 -1.11 -2.71
C ASN A 195 3.70 -1.99 -3.94
N ALA A 196 2.56 -2.03 -4.64
CA ALA A 196 2.35 -2.82 -5.87
C ALA A 196 1.88 -1.85 -6.95
N ARG A 197 0.99 -2.26 -7.85
CA ARG A 197 0.54 -1.40 -8.98
C ARG A 197 -0.20 -0.19 -8.39
N PHE A 198 -0.07 0.97 -9.05
CA PHE A 198 -0.76 2.24 -8.70
C PHE A 198 -0.38 2.68 -7.28
N ASN A 199 0.83 2.28 -6.84
CA ASN A 199 1.45 2.56 -5.52
C ASN A 199 0.52 2.20 -4.36
N LYS A 200 -0.43 1.27 -4.59
CA LYS A 200 -1.26 0.73 -3.47
C LYS A 200 -0.44 -0.31 -2.72
N PRO A 201 -0.68 -0.46 -1.41
CA PRO A 201 0.12 -1.39 -0.60
C PRO A 201 0.01 -2.84 -1.11
N LEU A 202 1.10 -3.60 -1.02
CA LEU A 202 1.13 -5.02 -1.41
C LEU A 202 0.34 -5.84 -0.39
N PHE A 203 -0.70 -6.55 -0.81
CA PHE A 203 -1.51 -7.33 0.18
C PHE A 203 -2.04 -8.63 -0.42
N VAL A 204 -2.37 -9.52 0.50
CA VAL A 204 -3.18 -10.75 0.25
C VAL A 204 -4.57 -10.51 0.87
N LEU A 205 -5.62 -10.72 0.08
CA LEU A 205 -7.01 -10.67 0.57
C LEU A 205 -7.32 -11.94 1.36
N GLU A 206 -7.81 -11.79 2.60
CA GLU A 206 -8.10 -12.93 3.51
C GLU A 206 -9.60 -13.03 3.80
N ARG A 207 -10.14 -14.24 3.73
CA ARG A 207 -11.47 -14.61 4.28
C ARG A 207 -12.53 -13.66 3.74
N ALA A 208 -12.46 -13.38 2.44
CA ALA A 208 -13.44 -12.55 1.71
C ALA A 208 -14.28 -13.48 0.84
N THR A 209 -15.49 -13.03 0.51
CA THR A 209 -16.49 -13.77 -0.28
C THR A 209 -17.07 -12.82 -1.31
N PHE A 210 -17.17 -13.32 -2.55
CA PHE A 210 -17.85 -12.64 -3.67
C PHE A 210 -18.98 -13.57 -4.13
N ARG A 211 -20.23 -13.09 -4.11
CA ARG A 211 -21.48 -13.86 -4.38
C ARG A 211 -22.37 -13.15 -5.40
N ASN A 212 -22.85 -13.87 -6.41
CA ASN A 212 -23.94 -13.40 -7.32
C ASN A 212 -23.59 -12.02 -7.87
N ILE A 213 -22.43 -11.92 -8.53
CA ILE A 213 -21.93 -10.68 -9.17
C ILE A 213 -21.91 -10.90 -10.68
N GLU A 214 -22.40 -9.95 -11.46
CA GLU A 214 -22.19 -9.92 -12.93
C GLU A 214 -21.06 -8.94 -13.24
N VAL A 215 -19.99 -9.42 -13.83
CA VAL A 215 -18.87 -8.55 -14.30
C VAL A 215 -19.09 -8.18 -15.78
N ASP A 216 -18.63 -6.99 -16.16
CA ASP A 216 -18.72 -6.44 -17.52
C ASP A 216 -17.49 -5.60 -17.79
N THR A 217 -16.47 -6.21 -18.36
CA THR A 217 -15.22 -5.49 -18.73
C THR A 217 -14.66 -6.13 -20.00
N TRP A 218 -13.76 -5.37 -20.64
CA TRP A 218 -12.87 -5.84 -21.71
C TRP A 218 -11.61 -6.46 -21.09
N ASP A 219 -11.36 -6.21 -19.82
CA ASP A 219 -10.04 -6.49 -19.20
C ASP A 219 -10.20 -7.74 -18.33
N TYR A 220 -9.11 -8.20 -17.72
CA TYR A 220 -9.14 -9.24 -16.69
C TYR A 220 -10.01 -8.74 -15.55
N TRP A 221 -11.11 -9.44 -15.26
CA TRP A 221 -11.99 -9.00 -14.15
C TRP A 221 -11.19 -9.02 -12.84
N THR A 222 -10.19 -9.89 -12.74
CA THR A 222 -9.05 -9.77 -11.80
C THR A 222 -7.75 -9.95 -12.60
N ALA A 223 -6.79 -9.04 -12.41
CA ALA A 223 -5.43 -9.12 -12.98
C ALA A 223 -4.46 -9.49 -11.86
N ASP A 224 -3.75 -8.51 -11.29
CA ASP A 224 -3.01 -8.72 -10.03
C ASP A 224 -4.01 -9.18 -8.95
N SER A 225 -3.55 -10.06 -8.08
CA SER A 225 -4.41 -10.69 -7.08
C SER A 225 -3.51 -11.50 -6.16
N ALA A 226 -4.00 -11.74 -4.97
CA ALA A 226 -3.50 -12.80 -4.08
C ALA A 226 -4.58 -13.04 -3.04
N THR A 227 -5.06 -14.29 -2.89
CA THR A 227 -6.15 -14.65 -1.96
C THR A 227 -5.75 -15.78 -1.04
N PHE A 228 -6.39 -15.81 0.13
CA PHE A 228 -6.19 -16.84 1.18
C PHE A 228 -7.53 -17.04 1.85
N GLU A 229 -8.10 -18.23 1.69
CA GLU A 229 -9.40 -18.62 2.30
C GLU A 229 -10.50 -17.70 1.79
N CYS A 230 -10.50 -17.45 0.47
CA CYS A 230 -11.53 -16.64 -0.22
C CYS A 230 -12.46 -17.54 -1.02
N ALA A 231 -13.65 -17.02 -1.32
CA ALA A 231 -14.70 -17.75 -2.05
C ALA A 231 -15.35 -16.81 -3.08
N PHE A 232 -15.35 -17.28 -4.33
CA PHE A 232 -16.05 -16.67 -5.48
C PHE A 232 -17.15 -17.64 -5.87
N GLU A 233 -18.40 -17.20 -5.76
CA GLU A 233 -19.62 -18.05 -5.84
C GLU A 233 -20.66 -17.27 -6.62
N GLY A 234 -20.99 -17.70 -7.83
CA GLY A 234 -22.03 -17.04 -8.63
C GLY A 234 -21.48 -15.84 -9.36
N ILE A 235 -20.42 -16.05 -10.13
CA ILE A 235 -19.83 -14.98 -10.97
C ILE A 235 -20.21 -15.29 -12.41
N ARG A 236 -20.73 -14.28 -13.09
CA ARG A 236 -21.21 -14.39 -14.48
C ARG A 236 -20.81 -13.11 -15.21
N GLY A 237 -20.78 -13.15 -16.54
CA GLY A 237 -20.75 -11.94 -17.38
C GLY A 237 -19.74 -12.05 -18.48
N LYS A 238 -19.01 -10.96 -18.74
CA LYS A 238 -17.99 -10.88 -19.83
C LYS A 238 -16.72 -10.23 -19.29
N ALA A 239 -15.57 -10.76 -19.73
CA ALA A 239 -14.21 -10.34 -19.35
C ALA A 239 -13.21 -10.89 -20.36
N ARG A 240 -11.92 -10.57 -20.17
CA ARG A 240 -10.81 -11.13 -20.98
C ARG A 240 -10.59 -12.59 -20.55
N SER A 241 -11.11 -13.00 -19.38
CA SER A 241 -10.67 -14.18 -18.62
C SER A 241 -11.80 -14.73 -17.75
N VAL A 242 -11.69 -16.01 -17.37
CA VAL A 242 -12.73 -16.66 -16.53
C VAL A 242 -12.16 -16.82 -15.12
N VAL A 243 -11.05 -17.54 -14.96
CA VAL A 243 -10.35 -17.66 -13.66
C VAL A 243 -8.86 -17.38 -13.89
N TYR A 244 -8.42 -16.19 -13.54
CA TYR A 244 -7.11 -15.65 -13.94
C TYR A 244 -6.59 -14.78 -12.81
N GLY A 245 -5.35 -15.05 -12.41
CA GLY A 245 -4.69 -14.25 -11.38
C GLY A 245 -3.45 -14.90 -10.84
N ASN A 246 -2.93 -14.30 -9.79
CA ASN A 246 -1.70 -14.73 -9.10
C ASN A 246 -2.12 -15.23 -7.72
N THR A 247 -1.49 -16.30 -7.23
CA THR A 247 -1.48 -16.60 -5.77
C THR A 247 -2.91 -16.68 -5.25
N PHE A 248 -3.68 -17.57 -5.85
CA PHE A 248 -5.01 -18.00 -5.36
C PHE A 248 -4.76 -19.16 -4.41
N CYS A 249 -4.94 -18.96 -3.09
CA CYS A 249 -4.53 -19.94 -2.06
C CYS A 249 -5.69 -20.26 -1.11
N ARG A 250 -6.04 -21.54 -0.99
CA ARG A 250 -7.14 -22.00 -0.11
C ARG A 250 -8.40 -21.24 -0.55
N THR A 251 -8.56 -21.12 -1.87
CA THR A 251 -9.65 -20.35 -2.51
C THR A 251 -10.52 -21.31 -3.31
N ASN A 252 -11.83 -21.07 -3.31
CA ASN A 252 -12.84 -21.82 -4.08
C ASN A 252 -13.49 -20.87 -5.07
N PHE A 253 -13.63 -21.34 -6.32
CA PHE A 253 -14.36 -20.70 -7.43
C PHE A 253 -15.48 -21.64 -7.82
N ASP A 254 -16.74 -21.24 -7.61
CA ASP A 254 -17.89 -22.13 -7.84
C ASP A 254 -18.98 -21.37 -8.61
N ASN A 255 -19.53 -22.02 -9.64
CA ASN A 255 -20.60 -21.42 -10.49
C ASN A 255 -20.04 -20.13 -11.09
N ILE A 256 -19.01 -20.28 -11.91
CA ILE A 256 -18.42 -19.18 -12.72
C ILE A 256 -18.82 -19.46 -14.17
N ASP A 257 -19.53 -18.51 -14.76
CA ASP A 257 -20.06 -18.60 -16.12
C ASP A 257 -19.78 -17.26 -16.79
N ILE A 258 -18.67 -17.17 -17.50
CA ILE A 258 -18.12 -15.93 -18.12
C ILE A 258 -17.82 -16.17 -19.60
N THR A 259 -18.29 -15.26 -20.45
CA THR A 259 -17.89 -15.10 -21.88
C THR A 259 -16.55 -14.36 -21.94
N PHE A 260 -15.50 -15.06 -22.34
CA PHE A 260 -14.10 -14.57 -22.24
C PHE A 260 -13.50 -14.33 -23.64
N SER A 261 -12.60 -13.35 -23.74
CA SER A 261 -12.11 -12.82 -25.03
C SER A 261 -10.65 -13.17 -25.26
N ASN A 262 -9.95 -13.80 -24.30
CA ASN A 262 -8.51 -14.08 -24.50
C ASN A 262 -8.02 -15.36 -23.78
N LYS A 263 -8.34 -15.59 -22.51
CA LYS A 263 -7.70 -16.67 -21.68
C LYS A 263 -8.75 -17.32 -20.78
N ALA A 264 -8.92 -18.63 -20.85
CA ALA A 264 -9.91 -19.37 -20.03
C ALA A 264 -9.44 -19.29 -18.57
N SER A 265 -8.24 -19.79 -18.27
CA SER A 265 -7.70 -19.82 -16.88
C SER A 265 -6.18 -19.94 -16.85
N GLU A 266 -5.58 -19.08 -16.04
CA GLU A 266 -4.21 -19.21 -15.55
C GLU A 266 -4.29 -18.97 -14.06
N MET A 267 -3.62 -19.77 -13.27
CA MET A 267 -3.48 -19.54 -11.81
C MET A 267 -2.00 -19.64 -11.47
N ALA A 268 -1.36 -18.45 -11.43
CA ALA A 268 0.10 -18.26 -11.48
C ALA A 268 0.64 -17.88 -10.10
N PHE A 269 1.96 -17.65 -10.05
CA PHE A 269 2.71 -17.24 -8.84
C PHE A 269 2.27 -18.00 -7.57
N GLY A 270 2.33 -19.31 -7.65
CA GLY A 270 2.25 -20.22 -6.49
C GLY A 270 0.83 -20.34 -5.94
N SER A 271 -0.16 -20.41 -6.83
CA SER A 271 -1.56 -20.75 -6.46
C SER A 271 -1.59 -22.17 -5.89
N HIS A 272 -2.31 -22.42 -4.79
CA HIS A 272 -2.28 -23.77 -4.18
C HIS A 272 -3.53 -23.99 -3.31
N ASP A 273 -3.97 -25.24 -3.26
CA ASP A 273 -5.18 -25.67 -2.50
C ASP A 273 -6.40 -24.87 -2.94
N THR A 274 -6.58 -24.68 -4.26
CA THR A 274 -7.62 -23.81 -4.85
C THR A 274 -8.46 -24.66 -5.80
N ASN A 275 -9.78 -24.56 -5.67
CA ASN A 275 -10.77 -25.49 -6.27
C ASN A 275 -11.78 -24.70 -7.11
N LEU A 276 -11.92 -25.10 -8.38
CA LEU A 276 -12.81 -24.52 -9.41
C LEU A 276 -13.87 -25.58 -9.67
N SER A 277 -15.13 -25.22 -9.57
CA SER A 277 -16.27 -26.15 -9.77
C SER A 277 -17.41 -25.39 -10.43
N ASN A 278 -18.21 -26.12 -11.20
CA ASN A 278 -19.32 -25.58 -12.04
C ASN A 278 -18.78 -24.37 -12.82
N ILE A 279 -17.87 -24.57 -13.74
CA ILE A 279 -17.25 -23.46 -14.53
C ILE A 279 -17.62 -23.59 -16.00
N LYS A 280 -18.23 -22.55 -16.57
CA LYS A 280 -18.52 -22.43 -18.01
C LYS A 280 -17.57 -21.35 -18.56
N PHE A 281 -16.54 -21.81 -19.26
CA PHE A 281 -15.61 -21.00 -20.09
C PHE A 281 -16.24 -20.89 -21.48
N ARG A 282 -16.92 -19.79 -21.78
CA ARG A 282 -17.53 -19.54 -23.11
C ARG A 282 -16.63 -18.55 -23.88
N ALA A 283 -16.00 -18.98 -24.97
CA ALA A 283 -15.09 -18.08 -25.72
C ALA A 283 -15.96 -17.10 -26.49
N ASP A 284 -15.55 -15.83 -26.52
CA ASP A 284 -16.33 -14.69 -27.08
C ASP A 284 -15.97 -14.52 -28.57
N SER A 285 -16.89 -14.84 -29.49
CA SER A 285 -16.68 -14.80 -30.97
C SER A 285 -16.56 -13.35 -31.46
N GLN A 286 -17.49 -12.49 -31.04
CA GLN A 286 -17.49 -11.05 -31.40
C GLN A 286 -16.18 -10.39 -30.94
N ASN A 287 -15.81 -10.54 -29.66
CA ASN A 287 -14.72 -9.76 -29.00
C ASN A 287 -13.45 -10.60 -28.85
N TRP A 288 -13.32 -11.71 -29.60
CA TRP A 288 -12.15 -12.62 -29.48
C TRP A 288 -10.87 -11.86 -29.82
N ASP A 289 -9.87 -12.03 -28.96
CA ASP A 289 -8.50 -11.53 -29.15
C ASP A 289 -7.60 -12.76 -29.34
N SER A 290 -7.15 -12.99 -30.59
CA SER A 290 -6.38 -14.19 -31.03
C SER A 290 -4.90 -14.05 -30.67
N THR A 291 -4.42 -12.86 -30.33
CA THR A 291 -3.00 -12.67 -29.95
C THR A 291 -2.81 -13.19 -28.53
N ASN A 292 -2.01 -14.24 -28.37
CA ASN A 292 -1.62 -14.82 -27.05
C ASN A 292 -2.85 -15.43 -26.35
N SER A 293 -3.83 -15.90 -27.13
CA SER A 293 -4.99 -16.73 -26.69
C SER A 293 -4.49 -17.85 -25.78
N VAL A 294 -5.22 -18.17 -24.72
CA VAL A 294 -4.89 -19.28 -23.79
C VAL A 294 -6.18 -20.02 -23.46
N GLY A 295 -6.17 -21.35 -23.56
CA GLY A 295 -7.21 -22.19 -22.96
C GLY A 295 -7.06 -22.23 -21.46
N ILE A 296 -7.00 -23.43 -20.87
CA ILE A 296 -6.69 -23.65 -19.44
C ILE A 296 -5.20 -23.96 -19.38
N SER A 297 -4.42 -23.06 -18.79
CA SER A 297 -2.93 -23.15 -18.84
C SER A 297 -2.38 -22.88 -17.45
N TRP A 298 -1.95 -23.94 -16.76
CA TRP A 298 -1.58 -23.90 -15.32
C TRP A 298 -0.07 -24.08 -15.16
N ALA A 299 0.58 -23.05 -14.64
CA ALA A 299 2.06 -22.98 -14.51
C ALA A 299 2.43 -22.15 -13.28
N GLU A 300 3.71 -21.78 -13.11
CA GLU A 300 4.28 -20.98 -11.99
C GLU A 300 4.01 -21.70 -10.65
N SER A 301 4.37 -22.98 -10.57
CA SER A 301 4.60 -23.74 -9.33
C SER A 301 3.31 -23.83 -8.50
N GLY A 302 2.21 -24.22 -9.15
CA GLY A 302 0.92 -24.46 -8.51
C GLY A 302 0.89 -25.84 -7.89
N ARG A 303 0.16 -26.03 -6.80
CA ARG A 303 0.04 -27.34 -6.10
C ARG A 303 -1.42 -27.51 -5.71
N ARG A 304 -1.99 -28.72 -5.79
CA ARG A 304 -3.28 -29.12 -5.18
C ARG A 304 -4.36 -28.15 -5.67
N CYS A 305 -4.41 -27.94 -6.99
CA CYS A 305 -5.44 -27.17 -7.71
C CYS A 305 -6.32 -28.15 -8.48
N THR A 306 -7.64 -27.97 -8.38
CA THR A 306 -8.63 -28.88 -8.99
C THR A 306 -9.62 -28.06 -9.81
N LEU A 307 -10.07 -28.65 -10.92
CA LEU A 307 -11.19 -28.16 -11.74
C LEU A 307 -12.15 -29.34 -11.94
N ASP A 308 -13.40 -29.14 -11.54
CA ASP A 308 -14.42 -30.23 -11.53
C ASP A 308 -15.74 -29.68 -12.06
N ASN A 309 -16.30 -30.36 -13.05
CA ASN A 309 -17.68 -30.05 -13.53
C ASN A 309 -17.68 -28.74 -14.33
N TRP A 310 -17.24 -28.79 -15.58
CA TRP A 310 -16.90 -27.56 -16.36
C TRP A 310 -17.16 -27.78 -17.84
N GLN A 311 -17.34 -26.68 -18.58
CA GLN A 311 -17.42 -26.68 -20.06
C GLN A 311 -16.50 -25.59 -20.65
N LEU A 312 -15.75 -25.96 -21.67
CA LEU A 312 -14.98 -25.02 -22.50
C LEU A 312 -15.62 -25.01 -23.90
N LEU A 313 -16.36 -23.96 -24.20
CA LEU A 313 -17.15 -23.82 -25.44
C LEU A 313 -16.47 -22.77 -26.34
N VAL A 314 -15.89 -23.22 -27.44
CA VAL A 314 -15.14 -22.35 -28.40
C VAL A 314 -16.00 -22.29 -29.65
N PRO A 315 -16.68 -21.16 -29.92
CA PRO A 315 -17.61 -21.13 -31.03
C PRO A 315 -16.86 -21.07 -32.38
N GLN A 316 -17.63 -21.17 -33.46
CA GLN A 316 -17.16 -20.95 -34.85
C GLN A 316 -16.44 -19.59 -34.93
N GLY A 317 -15.29 -19.56 -35.60
CA GLY A 317 -14.51 -18.33 -35.87
C GLY A 317 -13.38 -18.15 -34.88
N VAL A 318 -13.41 -18.89 -33.78
CA VAL A 318 -12.41 -18.78 -32.68
C VAL A 318 -11.55 -20.04 -32.70
N ASN A 319 -10.23 -19.91 -32.60
CA ASN A 319 -9.29 -21.07 -32.62
C ASN A 319 -8.30 -20.94 -31.47
N LEU A 320 -8.45 -21.79 -30.45
CA LEU A 320 -7.49 -21.97 -29.35
C LEU A 320 -6.60 -23.17 -29.70
N SER A 321 -5.30 -22.93 -29.77
CA SER A 321 -4.28 -23.89 -30.24
C SER A 321 -4.09 -24.99 -29.20
N VAL A 322 -4.33 -24.68 -27.91
CA VAL A 322 -4.04 -25.61 -26.77
C VAL A 322 -5.14 -25.43 -25.71
N LEU A 323 -5.96 -26.45 -25.53
CA LEU A 323 -7.20 -26.28 -24.74
C LEU A 323 -6.88 -26.41 -23.26
N VAL A 324 -6.22 -27.50 -22.86
CA VAL A 324 -5.84 -27.69 -21.43
C VAL A 324 -4.38 -28.13 -21.41
N ARG A 325 -3.54 -27.32 -20.75
CA ARG A 325 -2.12 -27.69 -20.60
C ARG A 325 -1.64 -27.46 -19.17
N ILE A 326 -0.88 -28.41 -18.66
CA ILE A 326 -0.25 -28.24 -17.33
C ILE A 326 1.26 -28.18 -17.53
N SER A 327 1.85 -27.08 -17.13
CA SER A 327 3.33 -26.95 -17.07
C SER A 327 3.59 -26.37 -15.70
N SER A 328 4.40 -26.97 -14.87
CA SER A 328 4.76 -26.37 -13.54
C SER A 328 3.56 -26.36 -12.59
N HIS A 329 2.75 -27.41 -12.62
CA HIS A 329 1.72 -27.60 -11.57
C HIS A 329 1.84 -29.06 -11.10
N ARG A 330 1.57 -29.32 -9.82
CA ARG A 330 1.59 -30.71 -9.29
C ARG A 330 0.33 -30.95 -8.45
N ASP A 331 0.01 -32.22 -8.20
CA ASP A 331 -1.18 -32.58 -7.40
C ASP A 331 -2.39 -31.93 -8.05
N VAL A 332 -2.60 -32.23 -9.33
CA VAL A 332 -3.69 -31.61 -10.11
C VAL A 332 -4.79 -32.62 -10.44
N GLN A 333 -6.04 -32.19 -10.37
CA GLN A 333 -7.20 -33.00 -10.77
C GLN A 333 -8.13 -32.15 -11.63
N ILE A 334 -8.34 -32.61 -12.87
CA ILE A 334 -9.24 -31.98 -13.87
C ILE A 334 -10.27 -33.05 -14.25
N ARG A 335 -11.51 -32.87 -13.78
CA ARG A 335 -12.58 -33.91 -13.77
C ARG A 335 -13.91 -33.35 -14.30
N LYS A 336 -14.73 -34.24 -14.87
CA LYS A 336 -16.14 -33.98 -15.26
C LYS A 336 -16.13 -32.76 -16.20
N GLY A 337 -15.45 -32.91 -17.34
CA GLY A 337 -15.27 -31.85 -18.36
C GLY A 337 -15.99 -32.17 -19.66
N PHE A 338 -16.61 -31.14 -20.22
CA PHE A 338 -17.07 -31.13 -21.62
C PHE A 338 -16.28 -30.05 -22.37
N ILE A 339 -15.69 -30.42 -23.48
CA ILE A 339 -15.07 -29.48 -24.47
C ILE A 339 -15.78 -29.63 -25.81
N GLN A 340 -16.26 -28.52 -26.37
CA GLN A 340 -16.72 -28.39 -27.78
C GLN A 340 -15.91 -27.30 -28.47
N VAL A 341 -15.18 -27.62 -29.53
CA VAL A 341 -14.47 -26.63 -30.40
C VAL A 341 -15.05 -26.73 -31.82
N HIS A 342 -15.02 -25.62 -32.53
CA HIS A 342 -15.56 -25.46 -33.91
C HIS A 342 -14.40 -25.17 -34.86
N SER A 343 -13.27 -25.85 -34.69
CA SER A 343 -12.06 -25.67 -35.52
C SER A 343 -11.34 -27.02 -35.68
N SER A 344 -10.25 -27.04 -36.45
CA SER A 344 -9.36 -28.19 -36.70
C SER A 344 -7.98 -27.95 -36.06
N SER A 345 -7.17 -29.02 -36.01
CA SER A 345 -5.74 -29.06 -35.62
C SER A 345 -5.50 -28.50 -34.21
N ASN A 346 -6.50 -28.58 -33.32
CA ASN A 346 -6.32 -28.22 -31.90
C ASN A 346 -5.53 -29.32 -31.19
N ASN A 347 -4.72 -28.93 -30.20
CA ASN A 347 -4.11 -29.81 -29.18
C ASN A 347 -5.03 -29.77 -27.95
N ILE A 348 -5.55 -30.91 -27.51
CA ILE A 348 -6.64 -30.93 -26.48
C ILE A 348 -6.03 -30.92 -25.09
N LEU A 349 -5.48 -32.06 -24.66
CA LEU A 349 -5.00 -32.24 -23.27
C LEU A 349 -3.51 -32.49 -23.34
N SER A 350 -2.77 -31.76 -22.51
CA SER A 350 -1.31 -31.62 -22.63
C SER A 350 -0.67 -31.57 -21.24
N VAL A 351 0.29 -32.44 -20.97
CA VAL A 351 1.25 -32.19 -19.85
C VAL A 351 2.62 -31.98 -20.46
N GLU A 352 3.23 -30.83 -20.16
CA GLU A 352 4.60 -30.47 -20.64
C GLU A 352 5.48 -30.10 -19.45
N HIS A 353 6.79 -30.33 -19.54
CA HIS A 353 7.80 -29.81 -18.57
C HIS A 353 9.09 -29.40 -19.31
N TYR A 354 9.55 -28.16 -19.09
CA TYR A 354 10.71 -27.54 -19.79
C TYR A 354 11.98 -27.66 -18.92
N GLY A 355 11.94 -28.49 -17.86
CA GLY A 355 13.11 -28.75 -16.99
C GLY A 355 13.63 -27.50 -16.30
N GLY A 356 14.94 -27.46 -16.05
CA GLY A 356 15.57 -26.41 -15.22
C GLY A 356 15.06 -26.49 -13.79
N ASP A 357 14.91 -25.34 -13.13
CA ASP A 357 14.35 -25.18 -11.75
C ASP A 357 12.85 -24.89 -11.84
N ARG A 358 12.13 -25.75 -12.55
CA ARG A 358 10.65 -25.81 -12.53
C ARG A 358 10.28 -27.06 -11.73
N PRO A 359 9.41 -26.91 -10.71
CA PRO A 359 8.96 -28.05 -9.91
C PRO A 359 8.25 -29.04 -10.83
N PRO A 360 8.31 -30.35 -10.52
CA PRO A 360 7.89 -31.38 -11.45
C PRO A 360 6.38 -31.41 -11.69
N CYS A 361 5.99 -31.83 -12.89
CA CYS A 361 4.57 -32.09 -13.24
C CYS A 361 4.26 -33.50 -12.74
N ASN A 362 3.95 -33.63 -11.45
CA ASN A 362 3.70 -34.92 -10.75
C ASN A 362 2.26 -35.01 -10.25
N ASN A 363 1.67 -36.19 -10.35
CA ASN A 363 0.31 -36.50 -9.81
C ASN A 363 -0.71 -35.59 -10.46
N ILE A 364 -0.93 -35.83 -11.75
CA ILE A 364 -1.89 -35.09 -12.60
C ILE A 364 -2.94 -36.10 -13.02
N LEU A 365 -4.19 -35.84 -12.68
CA LEU A 365 -5.31 -36.68 -13.11
C LEU A 365 -6.24 -35.81 -13.96
N PHE A 366 -6.41 -36.21 -15.21
CA PHE A 366 -7.55 -35.86 -16.07
C PHE A 366 -8.52 -37.05 -16.04
N GLU A 367 -9.78 -36.78 -15.70
CA GLU A 367 -10.80 -37.85 -15.50
C GLU A 367 -12.15 -37.38 -16.04
N ASP A 368 -12.76 -38.23 -16.88
CA ASP A 368 -14.11 -38.05 -17.47
C ASP A 368 -14.15 -36.71 -18.20
N ILE A 369 -13.45 -36.63 -19.33
CA ILE A 369 -13.46 -35.44 -20.23
C ILE A 369 -14.04 -35.89 -21.57
N ASP A 370 -15.17 -35.32 -21.95
CA ASP A 370 -15.74 -35.45 -23.30
C ASP A 370 -15.29 -34.26 -24.15
N VAL A 371 -14.73 -34.56 -25.31
CA VAL A 371 -14.12 -33.59 -26.27
C VAL A 371 -14.83 -33.78 -27.60
N ASN A 372 -15.59 -32.77 -28.02
CA ASN A 372 -16.16 -32.67 -29.39
C ASN A 372 -15.29 -31.69 -30.20
N ALA A 373 -15.00 -32.04 -31.45
CA ALA A 373 -14.35 -31.16 -32.47
C ALA A 373 -15.08 -31.30 -33.80
N THR A 374 -15.46 -30.19 -34.40
CA THR A 374 -16.11 -30.14 -35.73
C THR A 374 -15.06 -30.37 -36.81
N GLY A 375 -13.80 -30.08 -36.48
CA GLY A 375 -12.66 -30.31 -37.39
C GLY A 375 -12.14 -31.72 -37.20
N ALA A 376 -10.82 -31.83 -37.04
CA ALA A 376 -10.10 -33.04 -36.60
C ALA A 376 -8.97 -32.56 -35.70
N ALA A 377 -8.92 -32.99 -34.44
CA ALA A 377 -7.82 -32.59 -33.52
C ALA A 377 -6.47 -32.91 -34.16
N ALA A 378 -5.42 -32.18 -33.80
CA ALA A 378 -4.03 -32.58 -34.11
C ALA A 378 -3.68 -33.73 -33.19
N VAL A 379 -3.54 -33.42 -31.89
CA VAL A 379 -3.17 -34.39 -30.82
C VAL A 379 -4.18 -34.26 -29.69
N VAL A 380 -4.80 -35.36 -29.26
CA VAL A 380 -5.84 -35.38 -28.18
C VAL A 380 -5.16 -35.42 -26.81
N VAL A 381 -4.26 -36.38 -26.60
CA VAL A 381 -3.48 -36.51 -25.34
C VAL A 381 -2.00 -36.35 -25.69
N ASP A 382 -1.33 -35.39 -25.07
CA ASP A 382 0.11 -35.09 -25.30
C ASP A 382 0.86 -35.06 -23.97
N VAL A 383 2.01 -35.71 -23.94
CA VAL A 383 2.99 -35.70 -22.81
C VAL A 383 4.35 -35.40 -23.43
N TYR A 384 5.00 -34.34 -22.97
CA TYR A 384 6.17 -33.76 -23.68
C TYR A 384 7.22 -33.34 -22.66
N LYS A 385 8.33 -34.07 -22.66
CA LYS A 385 9.59 -33.70 -21.93
C LYS A 385 10.53 -33.03 -22.93
N SER A 386 10.69 -31.72 -22.80
CA SER A 386 11.50 -30.87 -23.70
C SER A 386 13.01 -31.08 -23.47
N ALA A 387 13.43 -31.55 -22.29
CA ALA A 387 14.82 -31.46 -21.79
C ALA A 387 15.23 -32.71 -21.01
N ASN A 388 16.54 -32.87 -20.87
CA ASN A 388 17.19 -34.03 -20.21
C ASN A 388 16.83 -34.04 -18.73
N ASP A 389 16.40 -32.90 -18.18
CA ASP A 389 16.09 -32.78 -16.73
C ASP A 389 14.58 -32.51 -16.54
N SER A 390 13.76 -32.62 -17.60
CA SER A 390 12.28 -32.50 -17.52
C SER A 390 11.72 -33.62 -16.64
N ALA A 391 10.75 -33.31 -15.78
CA ALA A 391 10.18 -34.28 -14.82
C ALA A 391 8.66 -34.30 -14.95
N ILE A 392 8.13 -35.37 -15.50
CA ILE A 392 6.66 -35.63 -15.60
C ILE A 392 6.41 -37.03 -15.01
N ASN A 393 5.62 -37.16 -13.95
CA ASN A 393 5.41 -38.47 -13.26
C ASN A 393 3.98 -38.58 -12.72
N ALA A 394 3.42 -39.80 -12.75
CA ALA A 394 2.09 -40.14 -12.22
C ALA A 394 1.06 -39.24 -12.91
N VAL A 395 1.07 -39.31 -14.24
CA VAL A 395 0.06 -38.68 -15.15
C VAL A 395 -0.90 -39.76 -15.66
N ARG A 396 -2.20 -39.53 -15.47
CA ARG A 396 -3.29 -40.41 -15.94
C ARG A 396 -4.31 -39.56 -16.70
N PHE A 397 -4.76 -40.10 -17.84
CA PHE A 397 -5.85 -39.57 -18.70
C PHE A 397 -6.97 -40.61 -18.78
N GLU A 398 -7.92 -40.56 -17.84
CA GLU A 398 -8.93 -41.60 -17.60
C GLU A 398 -10.31 -41.13 -18.08
N GLY A 399 -10.97 -41.94 -18.90
CA GLY A 399 -12.33 -41.64 -19.41
C GLY A 399 -12.31 -40.41 -20.30
N ILE A 400 -11.40 -40.39 -21.27
CA ILE A 400 -11.27 -39.32 -22.31
C ILE A 400 -12.03 -39.81 -23.55
N SER A 401 -13.18 -39.21 -23.82
CA SER A 401 -13.96 -39.44 -25.07
C SER A 401 -13.63 -38.32 -26.05
N TYR A 402 -13.15 -38.69 -27.23
CA TYR A 402 -12.94 -37.79 -28.38
C TYR A 402 -13.97 -38.08 -29.48
N ARG A 403 -14.94 -37.18 -29.63
CA ARG A 403 -15.93 -37.20 -30.74
C ARG A 403 -15.43 -36.25 -31.85
N GLY A 404 -15.02 -36.82 -32.98
CA GLY A 404 -14.63 -36.07 -34.18
C GLY A 404 -13.75 -36.92 -35.06
N ALA A 405 -13.30 -36.35 -36.19
CA ALA A 405 -12.53 -37.05 -37.24
C ALA A 405 -11.21 -37.56 -36.63
N THR A 406 -10.64 -38.61 -37.23
CA THR A 406 -9.40 -39.27 -36.78
C THR A 406 -8.32 -38.20 -36.65
N PRO A 407 -7.64 -38.05 -35.48
CA PRO A 407 -6.65 -36.99 -35.30
C PRO A 407 -5.65 -36.93 -36.48
N SER A 408 -5.13 -35.75 -36.80
CA SER A 408 -4.23 -35.51 -37.97
C SER A 408 -2.77 -35.80 -37.60
N VAL A 409 -2.43 -35.73 -36.30
CA VAL A 409 -1.10 -36.14 -35.76
C VAL A 409 -1.28 -37.37 -34.86
N ALA A 410 -2.05 -37.29 -33.78
CA ALA A 410 -2.12 -38.42 -32.82
C ALA A 410 -3.36 -38.37 -31.94
N LEU A 411 -3.93 -39.54 -31.66
CA LEU A 411 -4.86 -39.74 -30.52
C LEU A 411 -4.03 -39.51 -29.25
N MET A 412 -2.82 -40.05 -29.20
CA MET A 412 -2.00 -39.94 -27.97
C MET A 412 -0.53 -40.02 -28.35
N ARG A 413 0.24 -39.05 -27.88
CA ARG A 413 1.68 -38.86 -28.15
C ARG A 413 2.44 -38.70 -26.83
N GLN A 414 3.50 -39.48 -26.67
CA GLN A 414 4.50 -39.33 -25.59
C GLN A 414 5.88 -39.13 -26.22
N ARG A 415 6.59 -38.08 -25.80
CA ARG A 415 7.97 -37.71 -26.21
C ARG A 415 8.80 -37.39 -24.96
N GLY A 416 9.88 -38.16 -24.76
CA GLY A 416 10.99 -37.85 -23.84
C GLY A 416 12.30 -37.61 -24.59
N THR A 417 13.42 -37.79 -23.90
CA THR A 417 14.79 -37.83 -24.49
C THR A 417 15.35 -39.21 -24.16
N THR A 418 16.35 -39.68 -24.89
CA THR A 418 17.02 -41.01 -24.72
C THR A 418 17.34 -41.25 -23.24
N SER A 419 17.94 -40.26 -22.59
CA SER A 419 18.38 -40.31 -21.17
C SER A 419 17.24 -39.94 -20.22
N ASN A 420 16.15 -39.32 -20.70
CA ASN A 420 15.03 -38.80 -19.87
C ASN A 420 13.69 -39.24 -20.47
N GLN A 421 13.37 -40.53 -20.35
CA GLN A 421 12.18 -41.07 -21.03
C GLN A 421 10.93 -40.65 -20.28
N VAL A 422 9.84 -40.50 -21.03
CA VAL A 422 8.46 -40.45 -20.49
C VAL A 422 8.12 -41.87 -20.04
N THR A 423 7.87 -42.09 -18.74
CA THR A 423 7.54 -43.41 -18.19
C THR A 423 6.25 -43.34 -17.37
N GLY A 424 5.53 -44.46 -17.29
CA GLY A 424 4.53 -44.74 -16.26
C GLY A 424 3.16 -44.16 -16.59
N VAL A 425 3.02 -43.53 -17.77
CA VAL A 425 1.79 -42.81 -18.19
C VAL A 425 0.65 -43.82 -18.35
N ARG A 426 -0.55 -43.41 -17.99
CA ARG A 426 -1.77 -44.25 -18.02
C ARG A 426 -2.88 -43.48 -18.73
N ALA A 427 -3.71 -44.21 -19.47
CA ALA A 427 -4.86 -43.61 -20.19
C ALA A 427 -5.94 -44.68 -20.42
N SER A 428 -7.19 -44.22 -20.43
CA SER A 428 -8.40 -44.86 -20.99
C SER A 428 -9.03 -43.90 -22.00
N LEU A 429 -9.05 -44.29 -23.27
CA LEU A 429 -9.53 -43.41 -24.36
C LEU A 429 -10.65 -44.12 -25.13
N TYR A 430 -11.71 -43.35 -25.40
CA TYR A 430 -12.88 -43.69 -26.23
C TYR A 430 -12.85 -42.81 -27.50
N SER A 431 -12.32 -43.35 -28.61
CA SER A 431 -12.20 -42.63 -29.91
C SER A 431 -12.79 -43.49 -31.03
N ALA A 432 -14.00 -43.13 -31.51
CA ALA A 432 -14.77 -43.90 -32.52
C ALA A 432 -14.04 -43.88 -33.87
N ASN A 433 -13.24 -42.84 -34.16
CA ASN A 433 -12.41 -42.79 -35.39
C ASN A 433 -10.94 -43.15 -35.08
N GLY A 434 -10.65 -43.73 -33.92
CA GLY A 434 -9.31 -44.28 -33.63
C GLY A 434 -8.25 -43.20 -33.53
N GLY A 435 -7.07 -43.41 -34.13
CA GLY A 435 -5.99 -42.40 -34.22
C GLY A 435 -4.61 -42.98 -33.94
N ALA A 436 -3.53 -42.26 -34.29
CA ALA A 436 -2.14 -42.74 -34.15
C ALA A 436 -1.72 -42.75 -32.67
N PHE A 437 -0.90 -43.73 -32.31
CA PHE A 437 -0.29 -43.84 -30.97
C PHE A 437 1.21 -43.60 -31.13
N LEU A 438 1.64 -42.36 -31.00
CA LEU A 438 3.03 -41.87 -31.26
C LEU A 438 3.81 -41.91 -29.96
N VAL A 439 4.96 -42.58 -29.98
CA VAL A 439 5.89 -42.67 -28.82
C VAL A 439 7.29 -42.35 -29.33
N SER A 440 8.05 -41.61 -28.54
CA SER A 440 9.42 -41.16 -28.87
C SER A 440 10.16 -40.96 -27.56
N SER A 441 11.06 -41.90 -27.24
CA SER A 441 11.72 -42.03 -25.91
C SER A 441 10.64 -42.03 -24.82
N ALA A 442 9.71 -42.98 -24.91
CA ALA A 442 8.69 -43.23 -23.86
C ALA A 442 8.62 -44.72 -23.61
N MET A 443 8.20 -45.12 -22.41
CA MET A 443 8.16 -46.55 -22.04
C MET A 443 7.23 -46.75 -20.84
N ALA A 444 6.84 -47.99 -20.60
CA ALA A 444 6.10 -48.42 -19.39
C ALA A 444 4.75 -47.68 -19.31
N TRP A 445 4.12 -47.40 -20.45
CA TRP A 445 2.73 -46.87 -20.49
C TRP A 445 1.75 -48.04 -20.39
N ASP A 446 0.48 -47.72 -20.13
CA ASP A 446 -0.68 -48.65 -20.02
C ASP A 446 -1.88 -47.86 -20.52
N VAL A 447 -2.30 -48.13 -21.76
CA VAL A 447 -3.30 -47.32 -22.49
C VAL A 447 -4.37 -48.26 -23.01
N ARG A 448 -5.58 -48.15 -22.45
CA ARG A 448 -6.75 -48.93 -22.95
C ARG A 448 -7.56 -48.06 -23.91
N LEU A 449 -7.88 -48.65 -25.07
CA LEU A 449 -8.75 -48.04 -26.09
C LEU A 449 -10.06 -48.82 -26.10
N TYR A 450 -11.17 -48.09 -26.05
CA TYR A 450 -12.54 -48.64 -26.12
C TYR A 450 -13.26 -48.01 -27.32
N GLY A 451 -13.95 -48.87 -28.08
CA GLY A 451 -14.87 -48.50 -29.15
C GLY A 451 -16.29 -48.31 -28.60
N PRO A 452 -17.17 -47.60 -29.33
CA PRO A 452 -18.54 -47.37 -28.87
C PRO A 452 -19.31 -48.70 -28.79
N GLY A 453 -20.36 -48.75 -27.95
CA GLY A 453 -21.23 -49.93 -27.80
C GLY A 453 -20.76 -50.86 -26.69
N LEU A 454 -19.79 -50.43 -25.88
CA LEU A 454 -19.33 -51.11 -24.64
C LEU A 454 -18.54 -52.36 -25.01
N VAL B 27 25.87 8.34 1.27
CA VAL B 27 26.20 7.99 -0.13
C VAL B 27 27.53 7.22 -0.15
N PHE B 28 28.63 7.85 0.30
CA PHE B 28 30.02 7.46 -0.04
C PHE B 28 30.64 6.51 1.00
N LEU B 29 30.35 6.65 2.30
CA LEU B 29 31.04 5.88 3.36
C LEU B 29 30.04 5.00 4.10
N SER B 30 30.50 3.90 4.69
CA SER B 30 29.69 3.05 5.60
C SER B 30 30.14 3.35 7.02
N PRO B 31 29.25 3.22 8.04
CA PRO B 31 29.66 3.20 9.45
C PRO B 31 30.65 2.08 9.81
N ARG B 32 30.57 0.93 9.12
CA ARG B 32 31.56 -0.17 9.22
C ARG B 32 32.98 0.39 9.11
N ASN B 33 33.18 1.41 8.26
CA ASN B 33 34.49 2.04 7.97
C ASN B 33 34.97 2.88 9.16
N PHE B 34 34.15 2.95 10.24
CA PHE B 34 34.42 3.68 11.50
C PHE B 34 34.12 2.78 12.71
N GLY B 35 34.12 1.45 12.53
CA GLY B 35 34.00 0.46 13.61
C GLY B 35 32.56 0.09 13.92
N GLY B 36 31.60 0.58 13.15
CA GLY B 36 30.17 0.28 13.34
C GLY B 36 29.89 -1.18 13.01
N VAL B 37 29.22 -1.87 13.92
CA VAL B 37 28.72 -3.27 13.77
C VAL B 37 27.20 -3.24 13.64
N PRO B 38 26.65 -3.59 12.45
CA PRO B 38 25.21 -3.81 12.30
C PRO B 38 24.69 -5.23 12.60
N GLY B 39 23.38 -5.34 12.73
CA GLY B 39 22.59 -6.59 12.64
C GLY B 39 22.85 -7.56 13.77
N THR B 40 23.17 -7.08 14.99
CA THR B 40 23.40 -7.92 16.22
C THR B 40 22.93 -7.22 17.51
N GLY B 41 22.16 -6.13 17.43
CA GLY B 41 21.57 -5.48 18.62
C GLY B 41 22.61 -4.76 19.48
N VAL B 42 23.74 -4.34 18.88
CA VAL B 42 24.78 -3.52 19.60
C VAL B 42 24.81 -2.11 19.00
N ASP B 43 25.12 -1.15 19.86
CA ASP B 43 25.19 0.30 19.53
C ASP B 43 26.16 0.55 18.37
N SER B 44 25.78 1.46 17.48
CA SER B 44 26.65 1.96 16.38
C SER B 44 26.62 3.49 16.33
N VAL B 45 25.99 4.18 17.29
CA VAL B 45 25.75 5.67 17.17
C VAL B 45 27.09 6.39 16.95
N ALA B 46 28.15 6.04 17.69
CA ALA B 46 29.46 6.74 17.62
C ALA B 46 30.00 6.65 16.19
N ALA B 47 29.98 5.44 15.63
CA ALA B 47 30.46 5.12 14.28
C ALA B 47 29.69 5.94 13.25
N ILE B 48 28.36 5.97 13.35
CA ILE B 48 27.51 6.68 12.34
C ILE B 48 27.86 8.17 12.42
N GLU B 49 28.02 8.68 13.65
CA GLU B 49 28.37 10.11 13.88
C GLU B 49 29.76 10.41 13.33
N ALA B 50 30.68 9.46 13.34
CA ALA B 50 32.05 9.69 12.83
C ALA B 50 31.99 9.66 11.31
N ALA B 51 31.22 8.72 10.77
CA ALA B 51 30.99 8.61 9.31
C ALA B 51 30.42 9.95 8.85
N LEU B 52 29.45 10.48 9.59
CA LEU B 52 28.75 11.74 9.21
C LEU B 52 29.71 12.92 9.24
N ALA B 53 30.59 12.99 10.25
CA ALA B 53 31.65 14.02 10.32
C ALA B 53 32.49 13.94 9.05
N ALA B 54 32.83 12.73 8.59
CA ALA B 54 33.75 12.51 7.45
C ALA B 54 33.10 12.82 6.08
N GLY B 55 31.84 12.44 5.88
CA GLY B 55 31.16 12.64 4.59
C GLY B 55 29.79 11.99 4.57
N ASP B 56 29.24 11.82 3.36
CA ASP B 56 27.92 11.18 3.14
C ASP B 56 27.95 9.71 3.58
N VAL B 57 26.84 9.21 4.10
CA VAL B 57 26.76 7.87 4.75
C VAL B 57 25.73 7.00 4.03
N ASP B 58 26.15 5.78 3.64
CA ASP B 58 25.29 4.71 3.09
C ASP B 58 25.23 3.59 4.12
N LEU B 59 24.02 3.21 4.51
CA LEU B 59 23.85 2.23 5.61
C LEU B 59 23.85 0.82 5.02
N GLY B 60 24.08 0.72 3.71
CA GLY B 60 24.41 -0.55 3.03
C GLY B 60 23.23 -1.51 3.01
N GLY B 61 22.01 -1.00 3.23
CA GLY B 61 20.79 -1.82 3.35
C GLY B 61 20.72 -2.54 4.69
N GLU B 62 21.67 -2.33 5.59
CA GLU B 62 21.77 -3.20 6.79
C GLU B 62 20.99 -2.56 7.93
N HIS B 63 20.88 -3.30 9.02
CA HIS B 63 20.04 -3.00 10.20
C HIS B 63 20.94 -2.53 11.34
N TRP B 64 20.93 -1.22 11.63
CA TRP B 64 21.78 -0.54 12.66
C TRP B 64 20.97 -0.27 13.92
N PHE B 65 21.68 -0.21 15.04
CA PHE B 65 21.11 -0.09 16.40
C PHE B 65 21.83 1.05 17.13
N ILE B 66 21.08 1.87 17.87
CA ILE B 66 21.61 3.10 18.52
C ILE B 66 21.06 3.20 19.94
N SER B 67 21.92 3.56 20.90
CA SER B 67 21.60 3.72 22.34
C SER B 67 20.96 5.09 22.56
N ARG B 68 21.00 5.94 21.53
CA ARG B 68 20.58 7.36 21.60
C ARG B 68 20.51 7.90 20.18
N PRO B 69 19.79 9.02 19.96
CA PRO B 69 19.63 9.56 18.62
C PRO B 69 20.95 10.04 18.01
N ILE B 70 21.07 9.91 16.70
CA ILE B 70 22.20 10.36 15.86
C ILE B 70 22.17 11.89 15.71
N TYR B 71 23.21 12.58 16.18
CA TYR B 71 23.36 14.05 16.08
C TYR B 71 23.93 14.33 14.69
N CYS B 72 23.07 14.93 13.87
CA CYS B 72 23.25 15.02 12.40
C CYS B 72 24.23 16.14 12.10
N VAL B 73 24.83 16.08 10.92
CA VAL B 73 25.92 16.97 10.44
C VAL B 73 25.42 17.66 9.17
N SER B 74 25.50 18.98 9.16
CA SER B 74 25.08 19.85 8.04
C SER B 74 25.81 19.42 6.76
N GLY B 75 25.11 19.49 5.62
CA GLY B 75 25.70 19.27 4.28
C GLY B 75 25.71 17.79 3.91
N ARG B 76 25.30 16.90 4.81
CA ARG B 76 25.45 15.43 4.63
C ARG B 76 24.16 14.80 4.13
N THR B 77 24.32 13.65 3.48
CA THR B 77 23.24 12.68 3.15
C THR B 77 23.50 11.39 3.95
N ILE B 78 22.44 10.83 4.52
CA ILE B 78 22.47 9.47 5.12
C ILE B 78 21.37 8.67 4.42
N GLN B 79 21.66 7.41 4.11
CA GLN B 79 20.73 6.67 3.22
C GLN B 79 20.88 5.15 3.37
N ASN B 80 19.78 4.47 3.02
CA ASN B 80 19.73 3.05 2.55
C ASN B 80 19.97 2.11 3.72
N GLY B 81 19.08 2.11 4.71
CA GLY B 81 19.15 1.18 5.85
C GLY B 81 17.99 1.33 6.81
N LYS B 82 17.98 0.48 7.84
CA LYS B 82 17.03 0.50 8.97
C LYS B 82 17.80 0.94 10.21
N ILE B 83 17.15 1.74 11.06
CA ILE B 83 17.75 2.20 12.34
C ILE B 83 16.72 1.95 13.44
N SER B 84 17.09 1.08 14.40
CA SER B 84 16.31 0.75 15.62
C SER B 84 16.99 1.39 16.83
N THR B 85 16.20 1.95 17.73
CA THR B 85 16.64 2.45 19.06
C THR B 85 16.88 1.24 19.96
N LEU B 86 17.87 1.32 20.87
CA LEU B 86 18.12 0.29 21.92
C LEU B 86 17.54 0.77 23.27
N ALA B 87 17.12 2.03 23.36
CA ALA B 87 16.54 2.61 24.60
C ALA B 87 15.21 1.88 24.92
N ALA B 88 14.97 1.62 26.21
CA ALA B 88 13.77 0.95 26.74
C ALA B 88 12.60 1.95 26.72
N GLN B 89 11.39 1.45 26.53
CA GLN B 89 10.15 2.26 26.59
C GLN B 89 10.09 2.97 27.95
N GLY B 90 9.81 4.27 27.94
CA GLY B 90 9.76 5.12 29.16
C GLY B 90 11.14 5.40 29.73
N SER B 91 12.19 5.35 28.89
CA SER B 91 13.56 5.79 29.26
C SER B 91 13.63 7.33 29.35
N GLY B 92 12.52 8.04 29.10
CA GLY B 92 12.48 9.51 29.10
C GLY B 92 12.36 10.08 27.70
N PHE B 93 11.75 11.27 27.59
CA PHE B 93 11.46 11.99 26.32
C PHE B 93 12.76 12.11 25.52
N MET B 94 12.74 11.61 24.28
CA MET B 94 13.78 11.76 23.22
C MET B 94 14.89 10.70 23.37
N ALA B 95 14.94 9.98 24.49
CA ALA B 95 15.91 8.88 24.71
C ALA B 95 15.84 7.90 23.51
N GLY B 96 14.64 7.69 22.96
CA GLY B 96 14.34 6.62 21.99
C GLY B 96 14.40 7.12 20.56
N SER B 97 14.68 8.41 20.36
CA SER B 97 14.64 9.08 19.04
C SER B 97 15.73 8.52 18.14
N ILE B 98 15.59 8.67 16.82
CA ILE B 98 16.56 8.13 15.81
C ILE B 98 17.49 9.25 15.37
N PHE B 99 16.95 10.45 15.25
CA PHE B 99 17.77 11.56 14.76
C PHE B 99 17.58 12.85 15.55
N ALA B 100 18.67 13.56 15.79
CA ALA B 100 18.58 14.95 16.29
C ALA B 100 18.94 15.78 15.04
N PRO B 101 17.95 16.10 14.17
CA PRO B 101 18.17 16.89 12.98
C PRO B 101 18.00 18.31 13.51
N GLY B 102 19.03 18.82 14.16
CA GLY B 102 18.82 20.07 14.91
C GLY B 102 18.33 19.61 16.28
N ASN B 103 18.28 20.49 17.27
CA ASN B 103 17.94 20.03 18.64
C ASN B 103 17.21 21.15 19.37
N TYR B 104 16.43 21.90 18.63
CA TYR B 104 15.70 23.02 19.23
C TYR B 104 14.51 22.58 20.07
N HIS B 105 14.35 23.19 21.23
CA HIS B 105 13.11 23.10 22.04
C HIS B 105 12.94 24.45 22.70
N PRO B 106 11.70 25.00 22.80
CA PRO B 106 11.51 26.35 23.33
C PRO B 106 12.37 26.68 24.57
N VAL B 107 12.48 25.78 25.53
CA VAL B 107 13.21 26.02 26.81
C VAL B 107 14.67 26.39 26.49
N TYR B 108 15.32 25.71 25.53
CA TYR B 108 16.77 25.89 25.23
C TYR B 108 17.02 27.16 24.42
N VAL B 109 16.02 27.65 23.68
CA VAL B 109 16.16 28.86 22.82
C VAL B 109 15.89 30.11 23.68
N ASP B 110 15.10 29.96 24.74
CA ASP B 110 14.66 31.01 25.69
C ASP B 110 15.88 31.76 26.23
N PRO B 111 16.82 31.11 26.98
CA PRO B 111 17.97 31.82 27.54
C PRO B 111 19.01 32.34 26.53
N VAL B 112 18.97 31.90 25.28
CA VAL B 112 19.92 32.44 24.26
C VAL B 112 19.77 33.96 24.26
N PRO B 113 20.85 34.75 24.42
CA PRO B 113 20.79 36.21 24.29
C PRO B 113 20.36 36.55 22.86
N LYS B 114 19.50 37.57 22.71
CA LYS B 114 18.97 38.02 21.40
C LYS B 114 19.20 39.53 21.28
N LEU B 115 19.58 40.02 20.09
CA LEU B 115 19.90 41.45 19.83
C LEU B 115 18.66 42.13 19.22
N ALA B 116 18.35 43.36 19.66
CA ALA B 116 17.34 44.23 19.02
C ALA B 116 17.79 44.48 17.58
N CYS B 117 16.85 44.70 16.68
CA CYS B 117 17.13 45.06 15.26
C CYS B 117 15.94 45.82 14.69
N SER B 118 16.20 46.66 13.69
CA SER B 118 15.20 47.38 12.89
C SER B 118 14.95 46.57 11.62
N SER B 119 13.70 46.21 11.40
CA SER B 119 13.21 45.38 10.26
C SER B 119 11.95 46.04 9.70
N THR B 120 11.64 45.73 8.44
CA THR B 120 10.53 46.32 7.67
C THR B 120 9.78 45.20 6.97
N ASN B 121 8.47 45.10 7.17
CA ASN B 121 7.61 44.08 6.52
C ASN B 121 7.92 44.11 5.01
N GLY B 122 8.22 42.96 4.41
CA GLY B 122 8.53 42.85 2.97
C GLY B 122 9.98 43.13 2.60
N SER B 123 10.81 43.63 3.53
CA SER B 123 12.26 43.92 3.29
C SER B 123 13.16 42.81 3.84
N ALA B 124 14.20 42.48 3.07
CA ALA B 124 15.19 41.43 3.35
C ALA B 124 16.42 42.05 4.02
N THR B 125 16.34 43.32 4.42
CA THR B 125 17.43 44.05 5.11
C THR B 125 16.99 44.42 6.52
N ILE B 126 17.89 44.20 7.48
CA ILE B 126 17.72 44.61 8.90
C ILE B 126 18.93 45.47 9.29
N THR B 127 18.81 46.15 10.43
CA THR B 127 19.88 46.93 11.12
C THR B 127 20.09 46.27 12.48
N VAL B 128 21.33 45.91 12.83
CA VAL B 128 21.63 45.33 14.18
C VAL B 128 22.91 45.98 14.72
N SER B 129 22.77 46.76 15.80
CA SER B 129 23.91 47.35 16.56
C SER B 129 24.73 46.22 17.17
N SER B 130 26.05 46.24 16.97
CA SER B 130 27.05 45.38 17.64
C SER B 130 26.72 43.90 17.41
N HIS B 131 26.39 43.52 16.18
CA HIS B 131 26.21 42.11 15.78
C HIS B 131 27.60 41.54 15.45
N GLU B 132 27.73 40.21 15.33
CA GLU B 132 28.95 39.54 14.85
C GLU B 132 28.58 38.51 13.77
N PHE B 133 27.58 38.83 12.94
CA PHE B 133 27.18 37.99 11.77
C PHE B 133 28.20 38.23 10.65
N VAL B 134 28.54 37.15 9.95
CA VAL B 134 29.34 37.11 8.71
C VAL B 134 28.37 36.64 7.60
N VAL B 135 28.61 37.03 6.35
CA VAL B 135 27.90 36.43 5.17
C VAL B 135 27.92 34.90 5.31
N GLY B 136 26.79 34.23 5.03
CA GLY B 136 26.67 32.76 5.07
C GLY B 136 26.08 32.26 6.39
N ASP B 137 26.15 33.05 7.46
CA ASP B 137 25.62 32.68 8.81
C ASP B 137 24.10 32.46 8.74
N LEU B 138 23.60 31.38 9.36
CA LEU B 138 22.13 31.24 9.57
C LEU B 138 21.73 32.00 10.84
N VAL B 139 20.68 32.83 10.77
CA VAL B 139 20.17 33.62 11.95
C VAL B 139 18.68 33.33 12.18
N ARG B 140 18.30 33.37 13.45
CA ARG B 140 16.89 33.29 13.87
C ARG B 140 16.43 34.70 14.23
N LEU B 141 15.40 35.16 13.52
CA LEU B 141 14.61 36.39 13.80
C LEU B 141 13.34 35.94 14.52
N SER B 142 13.04 36.52 15.68
CA SER B 142 11.78 36.27 16.40
C SER B 142 11.27 37.58 17.01
N SER B 143 9.96 37.68 17.18
CA SER B 143 9.25 38.83 17.79
C SER B 143 9.36 38.74 19.32
N THR B 144 9.38 39.88 20.03
CA THR B 144 9.30 39.90 21.51
C THR B 144 7.85 39.52 21.89
N ARG B 145 6.89 39.98 21.08
CA ARG B 145 5.46 39.60 21.17
C ARG B 145 5.32 38.08 21.00
N GLY B 146 4.55 37.46 21.89
CA GLY B 146 4.13 36.05 21.83
C GLY B 146 3.47 35.68 23.14
N ILE B 147 3.37 34.39 23.42
CA ILE B 147 2.65 33.85 24.61
C ILE B 147 3.63 33.02 25.42
N ILE B 148 3.26 32.71 26.65
CA ILE B 148 3.92 31.65 27.45
C ILE B 148 3.21 30.35 27.13
N GLY B 149 3.85 29.49 26.33
CA GLY B 149 3.23 28.27 25.76
C GLY B 149 3.38 27.10 26.70
N SER B 150 3.36 25.89 26.16
CA SER B 150 3.81 24.65 26.85
C SER B 150 5.24 24.86 27.36
N ASP B 151 5.52 24.27 28.52
CA ASP B 151 6.84 24.28 29.20
C ASP B 151 7.21 25.73 29.56
N ALA B 152 6.20 26.59 29.73
CA ALA B 152 6.30 27.88 30.47
C ALA B 152 7.35 28.81 29.86
N VAL B 153 7.43 28.95 28.54
CA VAL B 153 8.48 29.80 27.90
C VAL B 153 7.92 30.47 26.65
N LEU B 154 8.54 31.58 26.22
CA LEU B 154 8.03 32.40 25.09
C LEU B 154 7.83 31.51 23.85
N VAL B 155 6.68 31.62 23.19
CA VAL B 155 6.45 31.20 21.78
C VAL B 155 6.16 32.47 21.01
N PRO B 156 7.16 33.03 20.29
CA PRO B 156 6.95 34.27 19.53
C PRO B 156 5.78 34.17 18.54
N TRP B 157 5.04 35.26 18.40
CA TRP B 157 4.10 35.59 17.29
C TRP B 157 4.77 35.37 15.92
N TYR B 158 6.08 35.58 15.80
CA TYR B 158 6.78 35.45 14.50
C TYR B 158 8.16 34.83 14.72
N MET B 159 8.48 33.83 13.88
CA MET B 159 9.80 33.16 13.85
C MET B 159 10.23 32.94 12.40
N GLN B 160 11.51 33.14 12.13
CA GLN B 160 12.07 32.96 10.77
C GLN B 160 13.54 32.60 10.90
N LEU B 161 13.96 31.55 10.22
CA LEU B 161 15.39 31.28 9.93
C LEU B 161 15.67 31.84 8.52
N ALA B 162 16.80 32.53 8.36
CA ALA B 162 17.24 33.12 7.07
C ALA B 162 18.77 33.27 7.11
N ARG B 163 19.39 33.33 5.91
CA ARG B 163 20.85 33.31 5.74
C ARG B 163 21.34 34.72 5.38
N VAL B 164 22.33 35.22 6.13
CA VAL B 164 23.01 36.53 5.88
C VAL B 164 23.68 36.38 4.51
N VAL B 165 23.33 37.25 3.57
CA VAL B 165 23.89 37.21 2.19
C VAL B 165 24.85 38.40 1.98
N GLY B 166 24.76 39.44 2.82
CA GLY B 166 25.70 40.59 2.81
C GLY B 166 25.73 41.33 4.14
N VAL B 167 26.89 41.81 4.55
CA VAL B 167 27.07 42.62 5.81
C VAL B 167 27.82 43.90 5.42
N SER B 168 27.37 45.06 5.92
CA SER B 168 28.08 46.35 5.82
C SER B 168 27.72 47.21 7.03
N GLY B 169 28.62 47.28 8.01
CA GLY B 169 28.35 47.94 9.30
C GLY B 169 27.26 47.19 10.04
N ASP B 170 26.26 47.92 10.58
CA ASP B 170 25.09 47.34 11.30
C ASP B 170 24.04 46.85 10.30
N THR B 171 24.24 47.10 9.01
CA THR B 171 23.31 46.73 7.89
C THR B 171 23.53 45.26 7.56
N VAL B 172 22.56 44.41 7.90
CA VAL B 172 22.60 42.93 7.69
C VAL B 172 21.54 42.57 6.64
N LYS B 173 21.99 42.04 5.50
CA LYS B 173 21.14 41.72 4.31
C LYS B 173 20.85 40.21 4.26
N LEU B 174 19.57 39.82 4.14
CA LEU B 174 19.12 38.40 4.26
C LEU B 174 18.72 37.85 2.90
N ASP B 175 18.62 36.53 2.79
CA ASP B 175 18.26 35.79 1.55
C ASP B 175 16.74 35.62 1.42
N ALA B 176 15.94 36.27 2.27
CA ALA B 176 14.48 36.29 2.15
C ALA B 176 13.91 37.42 3.00
N PRO B 177 12.75 37.97 2.60
CA PRO B 177 12.17 39.12 3.30
C PRO B 177 11.73 38.74 4.73
N ILE B 178 11.50 39.78 5.53
CA ILE B 178 10.74 39.66 6.80
C ILE B 178 9.27 39.91 6.48
N ASP B 179 8.41 38.96 6.86
CA ASP B 179 6.94 38.96 6.58
C ASP B 179 6.17 39.31 7.85
N THR B 180 6.63 40.31 8.61
CA THR B 180 5.90 40.87 9.79
C THR B 180 6.29 42.33 10.02
N THR B 181 5.41 43.08 10.67
CA THR B 181 5.63 44.47 11.17
C THR B 181 6.02 44.42 12.66
N GLU B 182 5.91 43.26 13.31
CA GLU B 182 6.25 43.07 14.76
C GLU B 182 7.73 43.43 14.99
N THR B 183 8.05 43.85 16.20
CA THR B 183 9.44 44.11 16.64
C THR B 183 10.15 42.77 16.78
N LEU B 184 11.30 42.63 16.11
CA LEU B 184 12.13 41.39 16.11
C LEU B 184 13.41 41.59 16.92
N VAL B 185 13.93 40.47 17.41
CA VAL B 185 15.31 40.30 17.92
C VAL B 185 15.93 39.16 17.10
N VAL B 186 17.25 39.07 17.12
CA VAL B 186 17.99 38.15 16.23
C VAL B 186 19.13 37.53 17.03
N HIS B 187 19.54 36.35 16.60
CA HIS B 187 20.68 35.61 17.17
C HIS B 187 21.10 34.57 16.14
N LYS B 188 22.34 34.12 16.25
CA LYS B 188 22.91 33.05 15.40
C LYS B 188 22.08 31.79 15.65
N ALA B 189 21.65 31.12 14.58
CA ALA B 189 20.74 29.96 14.62
C ALA B 189 21.40 28.83 15.42
N THR B 190 22.72 28.65 15.22
CA THR B 190 23.56 27.74 16.05
C THR B 190 24.50 28.58 16.91
N PRO B 191 24.11 28.95 18.15
CA PRO B 191 24.87 29.89 18.97
C PRO B 191 25.78 29.24 20.02
N ALA B 192 27.09 29.48 19.89
CA ALA B 192 28.16 28.91 20.74
C ALA B 192 27.86 29.28 22.19
N GLY B 193 28.11 28.35 23.11
CA GLY B 193 27.92 28.58 24.55
C GLY B 193 26.58 28.12 25.08
N TYR B 194 25.65 27.66 24.23
CA TYR B 194 24.27 27.35 24.68
C TYR B 194 23.94 25.88 24.37
N ASN B 195 23.55 25.12 25.39
CA ASN B 195 23.25 23.68 25.24
C ASN B 195 21.74 23.46 25.19
N ALA B 196 21.37 22.31 24.63
CA ALA B 196 19.99 21.79 24.59
C ALA B 196 19.93 20.48 25.39
N ARG B 197 19.00 19.58 25.08
CA ARG B 197 18.80 18.31 25.83
C ARG B 197 20.11 17.53 25.84
N PHE B 198 20.43 16.88 26.97
CA PHE B 198 21.65 16.06 27.20
C PHE B 198 22.91 16.92 27.02
N ASN B 199 22.85 18.22 27.36
CA ASN B 199 24.00 19.17 27.31
C ASN B 199 24.68 19.17 25.95
N LYS B 200 23.98 18.75 24.90
CA LYS B 200 24.51 18.87 23.51
C LYS B 200 24.31 20.30 23.07
N PRO B 201 25.34 20.95 22.48
CA PRO B 201 25.20 22.30 21.95
C PRO B 201 23.91 22.47 21.14
N LEU B 202 23.23 23.62 21.27
CA LEU B 202 22.02 23.98 20.52
C LEU B 202 22.38 24.32 19.07
N PHE B 203 21.76 23.66 18.08
CA PHE B 203 22.06 23.90 16.66
C PHE B 203 20.87 23.62 15.74
N VAL B 204 21.02 24.14 14.52
CA VAL B 204 20.11 23.98 13.36
C VAL B 204 20.88 23.17 12.32
N LEU B 205 20.30 22.05 11.88
CA LEU B 205 20.86 21.19 10.81
C LEU B 205 20.61 21.87 9.46
N GLU B 206 21.64 22.00 8.61
CA GLU B 206 21.57 22.72 7.30
C GLU B 206 21.92 21.80 6.14
N ARG B 207 21.13 21.86 5.07
CA ARG B 207 21.47 21.26 3.74
C ARG B 207 21.74 19.77 3.87
N ALA B 208 20.97 19.06 4.69
CA ALA B 208 21.15 17.63 5.00
C ALA B 208 20.02 16.81 4.36
N THR B 209 20.33 15.59 3.89
CA THR B 209 19.35 14.67 3.24
C THR B 209 19.32 13.34 4.00
N PHE B 210 18.11 12.80 4.15
CA PHE B 210 17.78 11.44 4.64
C PHE B 210 16.95 10.72 3.55
N ARG B 211 17.40 9.54 3.11
CA ARG B 211 16.81 8.79 1.96
C ARG B 211 16.67 7.30 2.30
N ASN B 212 15.50 6.74 2.00
CA ASN B 212 15.27 5.28 1.98
C ASN B 212 15.75 4.76 3.34
N ILE B 213 15.18 5.30 4.43
CA ILE B 213 15.52 4.98 5.84
C ILE B 213 14.28 4.38 6.49
N GLU B 214 14.47 3.35 7.31
CA GLU B 214 13.36 2.68 8.02
C GLU B 214 13.60 2.84 9.53
N VAL B 215 12.77 3.60 10.21
CA VAL B 215 12.93 3.85 11.67
C VAL B 215 12.15 2.77 12.42
N ASP B 216 12.57 2.50 13.66
CA ASP B 216 11.94 1.54 14.56
C ASP B 216 12.20 2.05 15.98
N THR B 217 11.22 2.74 16.54
CA THR B 217 11.23 3.22 17.93
C THR B 217 9.80 3.41 18.39
N TRP B 218 9.62 3.38 19.71
CA TRP B 218 8.42 3.70 20.50
C TRP B 218 8.30 5.23 20.63
N ASP B 219 9.38 5.96 20.36
CA ASP B 219 9.54 7.41 20.67
C ASP B 219 9.38 8.21 19.37
N TYR B 220 9.32 9.53 19.48
CA TYR B 220 9.37 10.42 18.30
C TYR B 220 10.68 10.13 17.59
N TRP B 221 10.66 9.77 16.31
CA TRP B 221 11.92 9.43 15.57
C TRP B 221 12.74 10.71 15.38
N THR B 222 12.06 11.86 15.36
CA THR B 222 12.64 13.17 15.72
C THR B 222 11.78 13.77 16.82
N ALA B 223 12.42 14.15 17.93
CA ALA B 223 11.80 14.79 19.10
C ALA B 223 12.14 16.29 19.03
N ASP B 224 13.22 16.74 19.67
CA ASP B 224 13.80 18.08 19.44
C ASP B 224 14.40 18.06 18.03
N SER B 225 14.42 19.21 17.36
CA SER B 225 14.91 19.36 15.96
C SER B 225 14.93 20.84 15.60
N ALA B 226 15.65 21.17 14.54
CA ALA B 226 15.57 22.46 13.81
C ALA B 226 16.29 22.27 12.50
N THR B 227 15.64 22.55 11.37
CA THR B 227 16.20 22.27 10.03
C THR B 227 16.06 23.51 9.13
N PHE B 228 16.95 23.58 8.14
CA PHE B 228 17.04 24.64 7.11
C PHE B 228 17.59 24.02 5.82
N GLU B 229 16.77 23.97 4.76
CA GLU B 229 17.12 23.45 3.41
C GLU B 229 17.44 21.95 3.52
N CYS B 230 16.63 21.24 4.30
CA CYS B 230 16.79 19.78 4.53
C CYS B 230 15.70 19.03 3.77
N ALA B 231 15.98 17.76 3.42
CA ALA B 231 15.08 16.87 2.68
C ALA B 231 15.04 15.51 3.39
N PHE B 232 13.84 15.02 3.67
CA PHE B 232 13.58 13.63 4.13
C PHE B 232 12.75 12.94 3.06
N GLU B 233 13.33 11.95 2.35
CA GLU B 233 12.69 11.24 1.21
C GLU B 233 12.71 9.73 1.46
N GLY B 234 11.57 9.07 1.33
CA GLY B 234 11.46 7.62 1.54
C GLY B 234 11.85 7.27 2.96
N ILE B 235 11.01 7.61 3.92
CA ILE B 235 11.17 7.22 5.35
C ILE B 235 9.98 6.33 5.72
N ARG B 236 10.26 5.16 6.31
CA ARG B 236 9.26 4.11 6.62
C ARG B 236 9.43 3.67 8.08
N GLY B 237 8.48 2.92 8.61
CA GLY B 237 8.68 2.14 9.85
C GLY B 237 7.62 2.46 10.85
N LYS B 238 7.98 2.35 12.13
CA LYS B 238 7.09 2.62 13.28
C LYS B 238 7.74 3.68 14.16
N ALA B 239 6.94 4.54 14.77
CA ALA B 239 7.38 5.57 15.74
C ALA B 239 6.16 6.10 16.50
N ARG B 240 6.39 7.07 17.39
CA ARG B 240 5.30 7.75 18.12
C ARG B 240 4.54 8.62 17.11
N SER B 241 5.20 9.03 16.02
CA SER B 241 4.83 10.18 15.16
C SER B 241 5.38 10.02 13.74
N VAL B 242 4.84 10.77 12.78
CA VAL B 242 5.17 10.68 11.34
C VAL B 242 6.02 11.87 10.89
N VAL B 243 5.47 13.08 11.02
CA VAL B 243 6.23 14.34 10.86
C VAL B 243 5.98 15.19 12.10
N TYR B 244 6.92 15.10 13.05
CA TYR B 244 6.86 15.71 14.40
C TYR B 244 8.20 16.42 14.68
N GLY B 245 8.15 17.70 15.11
CA GLY B 245 9.34 18.44 15.56
C GLY B 245 9.17 19.95 15.58
N ASN B 246 10.27 20.63 15.87
CA ASN B 246 10.32 22.11 16.03
C ASN B 246 11.02 22.64 14.78
N THR B 247 10.63 23.83 14.33
CA THR B 247 11.51 24.69 13.49
C THR B 247 11.99 23.89 12.27
N PHE B 248 11.06 23.30 11.54
CA PHE B 248 11.33 22.71 10.20
C PHE B 248 11.23 23.87 9.21
N CYS B 249 12.34 24.28 8.61
CA CYS B 249 12.36 25.51 7.80
C CYS B 249 12.91 25.20 6.41
N ARG B 250 12.24 25.65 5.35
CA ARG B 250 12.65 25.40 3.95
C ARG B 250 12.97 23.91 3.80
N THR B 251 12.21 23.06 4.49
CA THR B 251 12.46 21.60 4.53
C THR B 251 11.34 20.89 3.77
N ASN B 252 11.68 19.82 3.02
CA ASN B 252 10.69 18.95 2.30
C ASN B 252 10.72 17.55 2.89
N PHE B 253 9.54 17.01 3.18
CA PHE B 253 9.26 15.59 3.51
C PHE B 253 8.44 14.98 2.36
N ASP B 254 9.01 13.99 1.67
CA ASP B 254 8.34 13.31 0.52
C ASP B 254 8.47 11.79 0.66
N ASN B 255 7.34 11.07 0.50
CA ASN B 255 7.30 9.58 0.47
C ASN B 255 7.65 9.10 1.88
N ILE B 256 6.88 9.60 2.85
CA ILE B 256 6.91 9.13 4.26
C ILE B 256 5.70 8.21 4.48
N ASP B 257 5.95 6.99 4.96
CA ASP B 257 4.86 6.05 5.30
C ASP B 257 5.22 5.40 6.63
N ILE B 258 4.59 5.86 7.71
CA ILE B 258 4.96 5.48 9.11
C ILE B 258 3.70 5.05 9.86
N THR B 259 3.83 3.98 10.64
CA THR B 259 2.87 3.53 11.68
C THR B 259 3.23 4.25 12.98
N PHE B 260 2.31 5.09 13.45
CA PHE B 260 2.50 6.05 14.57
C PHE B 260 1.51 5.69 15.68
N SER B 261 1.97 5.82 16.92
CA SER B 261 1.31 5.27 18.12
C SER B 261 0.69 6.39 18.97
N ASN B 262 0.94 7.66 18.62
CA ASN B 262 0.43 8.79 19.44
C ASN B 262 0.04 9.99 18.57
N LYS B 263 0.95 10.53 17.74
CA LYS B 263 0.77 11.87 17.10
C LYS B 263 1.08 11.79 15.62
N ALA B 264 0.10 12.11 14.77
CA ALA B 264 0.27 12.13 13.31
C ALA B 264 1.35 13.15 12.97
N SER B 265 1.16 14.40 13.37
CA SER B 265 2.04 15.53 12.96
C SER B 265 1.81 16.78 13.83
N GLU B 266 2.92 17.36 14.29
CA GLU B 266 3.03 18.75 14.79
C GLU B 266 4.28 19.33 14.15
N MET B 267 4.20 20.58 13.72
CA MET B 267 5.37 21.33 13.23
C MET B 267 5.40 22.64 14.00
N ALA B 268 6.17 22.63 15.09
CA ALA B 268 6.12 23.63 16.16
C ALA B 268 7.26 24.64 16.00
N PHE B 269 7.32 25.57 16.97
CA PHE B 269 8.36 26.61 17.19
C PHE B 269 8.85 27.21 15.86
N GLY B 270 7.93 27.82 15.13
CA GLY B 270 8.19 28.67 13.95
C GLY B 270 8.58 27.90 12.70
N SER B 271 7.98 26.73 12.48
CA SER B 271 8.20 25.94 11.24
C SER B 271 7.67 26.77 10.07
N HIS B 272 8.41 26.88 8.98
CA HIS B 272 7.98 27.77 7.87
C HIS B 272 8.63 27.33 6.56
N ASP B 273 7.92 27.50 5.45
CA ASP B 273 8.39 27.16 4.08
C ASP B 273 8.69 25.66 4.01
N THR B 274 7.83 24.82 4.60
CA THR B 274 8.06 23.37 4.72
C THR B 274 6.92 22.61 4.04
N ASN B 275 7.24 21.68 3.15
CA ASN B 275 6.26 21.00 2.26
C ASN B 275 6.33 19.49 2.49
N LEU B 276 5.19 18.92 2.86
CA LEU B 276 4.99 17.47 3.03
C LEU B 276 4.21 16.97 1.82
N SER B 277 4.72 15.90 1.17
CA SER B 277 4.09 15.30 -0.04
C SER B 277 4.20 13.78 0.04
N ASN B 278 3.20 13.06 -0.47
CA ASN B 278 3.17 11.58 -0.51
C ASN B 278 3.42 11.06 0.92
N ILE B 279 2.54 11.43 1.85
CA ILE B 279 2.60 11.02 3.28
C ILE B 279 1.46 10.02 3.54
N LYS B 280 1.78 8.96 4.27
CA LYS B 280 0.81 7.97 4.80
C LYS B 280 1.02 7.86 6.31
N PHE B 281 0.02 8.33 7.04
CA PHE B 281 -0.08 8.31 8.51
C PHE B 281 -0.98 7.13 8.87
N ARG B 282 -0.41 5.99 9.29
CA ARG B 282 -1.20 4.82 9.71
C ARG B 282 -1.17 4.77 11.24
N ALA B 283 -2.31 4.98 11.88
CA ALA B 283 -2.45 4.81 13.34
C ALA B 283 -2.18 3.34 13.66
N ASP B 284 -1.39 3.11 14.71
CA ASP B 284 -0.93 1.77 15.16
C ASP B 284 -1.96 1.18 16.13
N SER B 285 -2.63 0.10 15.76
CA SER B 285 -3.71 -0.54 16.56
C SER B 285 -3.14 -1.19 17.83
N GLN B 286 -2.13 -2.04 17.65
CA GLN B 286 -1.46 -2.84 18.73
C GLN B 286 -0.81 -1.89 19.73
N ASN B 287 0.03 -0.95 19.28
CA ASN B 287 0.88 -0.09 20.15
C ASN B 287 0.21 1.26 20.42
N TRP B 288 -1.07 1.46 20.04
CA TRP B 288 -1.73 2.78 20.17
C TRP B 288 -1.62 3.26 21.62
N ASP B 289 -1.17 4.50 21.80
CA ASP B 289 -1.18 5.25 23.08
C ASP B 289 -2.21 6.37 22.92
N SER B 290 -3.37 6.25 23.57
CA SER B 290 -4.51 7.18 23.46
C SER B 290 -4.19 8.51 24.17
N THR B 291 -3.26 8.50 25.13
CA THR B 291 -2.94 9.65 26.01
C THR B 291 -2.35 10.79 25.18
N ASN B 292 -3.03 11.95 25.18
CA ASN B 292 -2.67 13.17 24.41
C ASN B 292 -2.41 12.81 22.94
N SER B 293 -3.18 11.89 22.35
CA SER B 293 -3.04 11.50 20.93
C SER B 293 -3.48 12.69 20.09
N VAL B 294 -2.95 12.83 18.88
CA VAL B 294 -3.14 14.03 18.04
C VAL B 294 -3.14 13.59 16.57
N GLY B 295 -4.08 14.10 15.78
CA GLY B 295 -4.04 13.98 14.32
C GLY B 295 -2.94 14.86 13.76
N ILE B 296 -3.22 15.57 12.68
CA ILE B 296 -2.35 16.65 12.16
C ILE B 296 -2.78 17.89 12.92
N SER B 297 -1.93 18.41 13.80
CA SER B 297 -2.23 19.61 14.64
C SER B 297 -1.09 20.62 14.54
N TRP B 298 -1.31 21.69 13.76
CA TRP B 298 -0.29 22.69 13.35
C TRP B 298 -0.49 24.02 14.12
N ALA B 299 0.47 24.38 14.97
CA ALA B 299 0.42 25.53 15.90
C ALA B 299 1.83 26.10 16.06
N GLU B 300 2.02 26.94 17.08
CA GLU B 300 3.29 27.65 17.41
C GLU B 300 3.87 28.39 16.20
N SER B 301 3.03 29.20 15.56
CA SER B 301 3.41 30.32 14.66
C SER B 301 4.12 29.78 13.42
N GLY B 302 3.54 28.80 12.76
CA GLY B 302 4.04 28.30 11.46
C GLY B 302 3.48 29.11 10.33
N ARG B 303 4.22 29.20 9.23
CA ARG B 303 3.88 30.01 8.03
C ARG B 303 4.27 29.20 6.79
N ARG B 304 3.38 29.12 5.80
CA ARG B 304 3.71 28.63 4.43
C ARG B 304 4.14 27.16 4.48
N CYS B 305 3.45 26.37 5.31
CA CYS B 305 3.60 24.90 5.40
C CYS B 305 2.47 24.26 4.58
N THR B 306 2.77 23.17 3.87
CA THR B 306 1.82 22.49 2.96
C THR B 306 1.84 20.99 3.23
N LEU B 307 0.68 20.35 3.11
CA LEU B 307 0.52 18.88 3.06
C LEU B 307 -0.28 18.52 1.81
N ASP B 308 0.26 17.64 0.95
CA ASP B 308 -0.20 17.42 -0.44
C ASP B 308 -0.04 15.95 -0.83
N ASN B 309 -1.12 15.30 -1.26
CA ASN B 309 -1.11 13.88 -1.70
C ASN B 309 -0.82 12.99 -0.49
N TRP B 310 -1.80 12.79 0.36
CA TRP B 310 -1.64 12.13 1.69
C TRP B 310 -2.87 11.32 2.10
N GLN B 311 -2.63 10.35 2.98
CA GLN B 311 -3.64 9.44 3.56
C GLN B 311 -3.46 9.42 5.08
N LEU B 312 -4.55 9.49 5.85
CA LEU B 312 -4.61 9.29 7.33
C LEU B 312 -5.58 8.14 7.65
N LEU B 313 -5.04 7.01 8.10
CA LEU B 313 -5.79 5.74 8.32
C LEU B 313 -5.84 5.45 9.81
N VAL B 314 -7.02 5.55 10.40
CA VAL B 314 -7.28 5.22 11.83
C VAL B 314 -8.03 3.89 11.87
N PRO B 315 -7.38 2.79 12.28
CA PRO B 315 -7.95 1.46 12.15
C PRO B 315 -9.00 1.25 13.23
N GLN B 316 -9.76 0.16 13.12
CA GLN B 316 -10.74 -0.29 14.13
C GLN B 316 -10.06 -0.34 15.50
N GLY B 317 -10.69 0.25 16.52
CA GLY B 317 -10.28 0.10 17.92
C GLY B 317 -9.38 1.24 18.37
N VAL B 318 -9.03 2.14 17.44
CA VAL B 318 -8.30 3.42 17.69
C VAL B 318 -9.29 4.57 17.48
N ASN B 319 -9.20 5.63 18.29
CA ASN B 319 -10.12 6.79 18.19
C ASN B 319 -9.34 8.08 18.40
N LEU B 320 -8.99 8.77 17.29
CA LEU B 320 -8.46 10.16 17.31
C LEU B 320 -9.64 11.14 17.40
N SER B 321 -9.59 12.03 18.38
CA SER B 321 -10.68 12.99 18.70
C SER B 321 -10.81 14.02 17.58
N VAL B 322 -9.66 14.49 17.07
CA VAL B 322 -9.56 15.59 16.05
C VAL B 322 -8.49 15.16 15.05
N LEU B 323 -8.85 15.06 13.77
CA LEU B 323 -7.95 14.49 12.74
C LEU B 323 -7.04 15.58 12.18
N VAL B 324 -7.60 16.71 11.73
CA VAL B 324 -6.78 17.84 11.21
C VAL B 324 -7.27 19.14 11.87
N ARG B 325 -6.33 19.79 12.57
CA ARG B 325 -6.63 21.08 13.21
C ARG B 325 -5.54 22.10 12.91
N ILE B 326 -5.94 23.28 12.50
CA ILE B 326 -4.96 24.37 12.32
C ILE B 326 -5.21 25.38 13.43
N SER B 327 -4.16 25.69 14.16
CA SER B 327 -4.20 26.74 15.20
C SER B 327 -2.83 27.41 15.14
N SER B 328 -2.75 28.72 14.96
CA SER B 328 -1.46 29.45 14.94
C SER B 328 -0.61 29.02 13.73
N HIS B 329 -1.24 28.83 12.58
CA HIS B 329 -0.49 28.65 11.32
C HIS B 329 -1.14 29.58 10.29
N ARG B 330 -0.37 30.06 9.32
CA ARG B 330 -0.92 30.93 8.22
C ARG B 330 -0.28 30.55 6.88
N ASP B 331 -0.98 30.81 5.78
CA ASP B 331 -0.56 30.45 4.39
C ASP B 331 -0.41 28.93 4.33
N VAL B 332 -1.45 28.23 4.74
CA VAL B 332 -1.47 26.75 4.83
C VAL B 332 -2.19 26.22 3.60
N GLN B 333 -1.72 25.10 3.11
CA GLN B 333 -2.41 24.36 2.04
C GLN B 333 -2.36 22.89 2.42
N ILE B 334 -3.55 22.31 2.63
CA ILE B 334 -3.73 20.87 2.88
C ILE B 334 -4.61 20.34 1.76
N ARG B 335 -4.06 19.47 0.91
CA ARG B 335 -4.61 19.11 -0.42
C ARG B 335 -4.42 17.62 -0.73
N LYS B 336 -5.28 17.12 -1.62
CA LYS B 336 -5.23 15.73 -2.18
C LYS B 336 -5.05 14.76 -1.01
N GLY B 337 -6.04 14.79 -0.11
CA GLY B 337 -6.07 14.05 1.16
C GLY B 337 -7.14 12.99 1.15
N PHE B 338 -6.83 11.84 1.72
CA PHE B 338 -7.78 10.76 1.97
C PHE B 338 -7.72 10.43 3.46
N ILE B 339 -8.88 10.38 4.10
CA ILE B 339 -9.03 9.97 5.53
C ILE B 339 -9.99 8.77 5.58
N GLN B 340 -9.56 7.70 6.23
CA GLN B 340 -10.39 6.53 6.57
C GLN B 340 -10.32 6.31 8.08
N VAL B 341 -11.45 6.46 8.77
CA VAL B 341 -11.57 6.18 10.24
C VAL B 341 -12.62 5.08 10.43
N HIS B 342 -12.47 4.29 11.50
CA HIS B 342 -13.28 3.10 11.84
C HIS B 342 -14.05 3.33 13.15
N SER B 343 -14.27 4.58 13.53
CA SER B 343 -14.95 4.98 14.80
C SER B 343 -15.98 6.08 14.51
N SER B 344 -16.68 6.56 15.54
CA SER B 344 -17.68 7.66 15.46
C SER B 344 -17.15 8.95 16.11
N SER B 345 -17.97 10.00 16.03
CA SER B 345 -17.91 11.27 16.82
C SER B 345 -16.58 12.00 16.64
N ASN B 346 -15.84 11.70 15.57
CA ASN B 346 -14.57 12.39 15.22
C ASN B 346 -14.90 13.79 14.71
N ASN B 347 -14.11 14.79 15.13
CA ASN B 347 -13.94 16.08 14.43
C ASN B 347 -12.91 15.88 13.32
N ILE B 348 -13.28 16.15 12.07
CA ILE B 348 -12.41 15.84 10.89
C ILE B 348 -11.51 17.03 10.60
N LEU B 349 -12.03 18.09 9.98
CA LEU B 349 -11.22 19.30 9.64
C LEU B 349 -11.62 20.46 10.55
N SER B 350 -10.64 21.20 11.05
CA SER B 350 -10.89 22.22 12.11
C SER B 350 -9.86 23.36 12.02
N VAL B 351 -10.34 24.60 11.97
CA VAL B 351 -9.54 25.83 12.21
C VAL B 351 -10.06 26.47 13.50
N GLU B 352 -9.18 26.57 14.48
CA GLU B 352 -9.40 27.27 15.77
C GLU B 352 -8.37 28.41 15.91
N HIS B 353 -8.71 29.46 16.65
CA HIS B 353 -7.76 30.51 17.08
C HIS B 353 -8.19 31.01 18.46
N TYR B 354 -7.34 30.80 19.47
CA TYR B 354 -7.62 31.11 20.91
C TYR B 354 -7.14 32.53 21.23
N GLY B 355 -6.80 33.33 20.20
CA GLY B 355 -6.54 34.78 20.31
C GLY B 355 -5.30 35.10 21.13
N GLY B 356 -5.36 36.17 21.92
CA GLY B 356 -4.19 36.76 22.60
C GLY B 356 -3.08 37.05 21.62
N ASP B 357 -1.83 36.87 22.04
CA ASP B 357 -0.60 37.10 21.23
C ASP B 357 -0.25 35.81 20.48
N ARG B 358 -1.19 35.33 19.66
CA ARG B 358 -0.95 34.25 18.66
C ARG B 358 -1.17 34.83 17.25
N PRO B 359 -0.26 34.57 16.30
CA PRO B 359 -0.43 35.11 14.95
C PRO B 359 -1.72 34.56 14.34
N PRO B 360 -2.40 35.31 13.45
CA PRO B 360 -3.75 34.94 12.98
C PRO B 360 -3.74 33.66 12.13
N CYS B 361 -4.80 32.87 12.21
CA CYS B 361 -5.01 31.71 11.30
C CYS B 361 -5.62 32.25 10.01
N ASN B 362 -4.75 32.75 9.12
CA ASN B 362 -5.09 33.43 7.84
C ASN B 362 -4.53 32.65 6.64
N ASN B 363 -5.24 32.66 5.51
CA ASN B 363 -4.88 32.02 4.22
C ASN B 363 -4.66 30.52 4.46
N ILE B 364 -5.75 29.83 4.79
CA ILE B 364 -5.80 28.37 5.03
C ILE B 364 -6.69 27.76 3.95
N LEU B 365 -6.14 26.85 3.14
CA LEU B 365 -6.88 26.12 2.10
C LEU B 365 -6.83 24.62 2.39
N PHE B 366 -8.00 24.02 2.59
CA PHE B 366 -8.27 22.57 2.39
C PHE B 366 -8.89 22.38 1.00
N GLU B 367 -8.34 21.47 0.20
CA GLU B 367 -8.76 21.25 -1.20
C GLU B 367 -8.68 19.76 -1.54
N ASP B 368 -9.76 19.22 -2.12
CA ASP B 368 -9.89 17.81 -2.60
C ASP B 368 -9.49 16.88 -1.45
N ILE B 369 -10.30 16.83 -0.40
CA ILE B 369 -10.13 15.92 0.78
C ILE B 369 -11.33 14.98 0.81
N ASP B 370 -11.07 13.66 0.74
CA ASP B 370 -12.10 12.59 0.85
C ASP B 370 -12.02 12.00 2.25
N VAL B 371 -13.16 11.90 2.92
CA VAL B 371 -13.29 11.37 4.30
C VAL B 371 -14.29 10.22 4.30
N ASN B 372 -13.82 9.02 4.66
CA ASN B 372 -14.66 7.82 4.83
C ASN B 372 -14.74 7.54 6.34
N ALA B 373 -15.93 7.27 6.87
CA ALA B 373 -16.15 6.96 8.29
C ALA B 373 -17.12 5.80 8.40
N THR B 374 -16.70 4.69 9.02
CA THR B 374 -17.56 3.52 9.32
C THR B 374 -18.57 3.92 10.39
N GLY B 375 -18.27 4.96 11.15
CA GLY B 375 -19.12 5.41 12.26
C GLY B 375 -20.08 6.46 11.76
N ALA B 376 -19.76 7.71 12.07
CA ALA B 376 -20.58 8.91 11.82
C ALA B 376 -19.87 10.04 12.55
N ALA B 377 -19.15 10.88 11.80
CA ALA B 377 -18.46 12.07 12.31
C ALA B 377 -19.36 12.78 13.32
N ALA B 378 -18.75 13.46 14.29
CA ALA B 378 -19.41 14.54 15.05
C ALA B 378 -19.53 15.76 14.13
N VAL B 379 -18.38 16.36 13.76
CA VAL B 379 -18.32 17.64 13.00
C VAL B 379 -17.28 17.49 11.90
N VAL B 380 -17.70 17.69 10.65
CA VAL B 380 -16.80 17.45 9.49
C VAL B 380 -15.91 18.68 9.27
N VAL B 381 -16.51 19.87 9.27
CA VAL B 381 -15.79 21.15 9.06
C VAL B 381 -16.14 22.08 10.22
N ASP B 382 -15.15 22.58 10.95
CA ASP B 382 -15.33 23.44 12.14
C ASP B 382 -14.45 24.67 11.99
N VAL B 383 -14.98 25.83 12.34
CA VAL B 383 -14.22 27.09 12.45
C VAL B 383 -14.59 27.69 13.81
N TYR B 384 -13.60 27.98 14.64
CA TYR B 384 -13.86 28.24 16.08
C TYR B 384 -12.94 29.34 16.61
N LYS B 385 -13.58 30.48 16.89
CA LYS B 385 -13.01 31.62 17.65
C LYS B 385 -13.43 31.46 19.11
N SER B 386 -12.46 31.20 19.99
CA SER B 386 -12.70 31.01 21.44
C SER B 386 -12.76 32.36 22.17
N ALA B 387 -12.28 33.45 21.55
CA ALA B 387 -11.93 34.71 22.29
C ALA B 387 -12.24 35.93 21.44
N ASN B 388 -12.40 37.07 22.10
CA ASN B 388 -12.82 38.38 21.51
C ASN B 388 -11.75 38.92 20.55
N ASP B 389 -10.50 38.46 20.68
CA ASP B 389 -9.39 38.93 19.81
C ASP B 389 -8.95 37.79 18.87
N SER B 390 -9.73 36.71 18.77
CA SER B 390 -9.41 35.54 17.91
C SER B 390 -9.40 36.03 16.46
N ALA B 391 -8.51 35.50 15.63
CA ALA B 391 -8.33 35.95 14.23
C ALA B 391 -8.30 34.74 13.32
N ILE B 392 -9.33 34.62 12.48
CA ILE B 392 -9.44 33.56 11.43
C ILE B 392 -9.99 34.25 10.18
N ASN B 393 -9.19 34.31 9.12
CA ASN B 393 -9.53 34.98 7.85
C ASN B 393 -9.05 34.11 6.68
N ALA B 394 -9.73 34.20 5.54
CA ALA B 394 -9.37 33.60 4.23
C ALA B 394 -9.19 32.09 4.39
N VAL B 395 -10.20 31.47 5.00
CA VAL B 395 -10.31 30.00 5.19
C VAL B 395 -11.29 29.46 4.14
N ARG B 396 -10.78 28.51 3.35
CA ARG B 396 -11.56 27.80 2.32
C ARG B 396 -11.43 26.29 2.57
N PHE B 397 -12.55 25.60 2.43
CA PHE B 397 -12.67 24.12 2.48
C PHE B 397 -13.30 23.68 1.16
N GLU B 398 -12.46 23.46 0.15
CA GLU B 398 -12.93 23.27 -1.26
C GLU B 398 -12.81 21.80 -1.64
N GLY B 399 -13.90 21.19 -2.11
CA GLY B 399 -13.91 19.79 -2.59
C GLY B 399 -13.73 18.82 -1.44
N ILE B 400 -14.53 18.97 -0.40
CA ILE B 400 -14.49 18.04 0.76
C ILE B 400 -15.63 17.03 0.61
N SER B 401 -15.27 15.75 0.41
CA SER B 401 -16.23 14.63 0.32
C SER B 401 -16.32 13.91 1.66
N TYR B 402 -17.52 13.83 2.22
CA TYR B 402 -17.80 13.04 3.45
C TYR B 402 -18.75 11.90 3.12
N ARG B 403 -18.21 10.68 3.18
CA ARG B 403 -18.97 9.41 3.02
C ARG B 403 -19.06 8.76 4.39
N GLY B 404 -20.28 8.42 4.80
CA GLY B 404 -20.57 7.97 6.16
C GLY B 404 -21.89 8.55 6.60
N ALA B 405 -22.36 8.10 7.78
CA ALA B 405 -23.71 8.40 8.30
C ALA B 405 -23.76 9.90 8.62
N THR B 406 -24.95 10.49 8.56
CA THR B 406 -25.16 11.94 8.78
C THR B 406 -24.39 12.38 10.02
N PRO B 407 -23.58 13.46 9.96
CA PRO B 407 -22.83 13.90 11.14
C PRO B 407 -23.75 13.96 12.37
N SER B 408 -23.26 13.59 13.54
CA SER B 408 -24.04 13.58 14.79
C SER B 408 -24.26 15.00 15.29
N VAL B 409 -23.37 15.95 14.94
CA VAL B 409 -23.45 17.37 15.39
C VAL B 409 -23.67 18.30 14.18
N ALA B 410 -22.81 18.22 13.14
CA ALA B 410 -22.87 19.15 11.97
C ALA B 410 -21.98 18.67 10.82
N LEU B 411 -22.48 18.80 9.60
CA LEU B 411 -21.63 18.79 8.38
C LEU B 411 -20.66 19.97 8.52
N MET B 412 -21.15 21.15 8.91
CA MET B 412 -20.27 22.33 9.06
C MET B 412 -20.73 23.25 10.19
N ARG B 413 -19.81 23.68 11.05
CA ARG B 413 -20.08 24.52 12.24
C ARG B 413 -19.11 25.70 12.26
N GLN B 414 -19.65 26.92 12.43
CA GLN B 414 -18.88 28.16 12.63
C GLN B 414 -19.37 28.84 13.90
N ARG B 415 -18.42 29.17 14.81
CA ARG B 415 -18.64 29.89 16.08
C ARG B 415 -17.61 31.01 16.23
N GLY B 416 -18.10 32.24 16.42
CA GLY B 416 -17.33 33.39 16.94
C GLY B 416 -17.84 33.80 18.31
N THR B 417 -17.66 35.07 18.65
CA THR B 417 -18.22 35.76 19.85
C THR B 417 -19.01 36.97 19.38
N THR B 418 -19.92 37.51 20.20
CA THR B 418 -20.81 38.64 19.80
C THR B 418 -20.00 39.73 19.10
N SER B 419 -18.87 40.13 19.69
CA SER B 419 -18.07 41.29 19.21
C SER B 419 -17.06 40.82 18.13
N ASN B 420 -16.81 39.51 18.05
CA ASN B 420 -15.73 38.90 17.22
C ASN B 420 -16.30 37.70 16.47
N GLN B 421 -17.03 38.00 15.39
CA GLN B 421 -17.75 36.97 14.60
C GLN B 421 -16.79 36.28 13.62
N VAL B 422 -17.09 35.02 13.25
CA VAL B 422 -16.44 34.31 12.12
C VAL B 422 -17.02 34.90 10.81
N THR B 423 -16.16 35.37 9.89
CA THR B 423 -16.61 35.99 8.61
C THR B 423 -15.81 35.47 7.41
N GLY B 424 -16.46 35.45 6.24
CA GLY B 424 -15.81 35.22 4.93
C GLY B 424 -15.51 33.76 4.68
N VAL B 425 -15.89 32.84 5.58
CA VAL B 425 -15.58 31.39 5.42
C VAL B 425 -16.22 30.90 4.12
N ARG B 426 -15.50 30.06 3.38
CA ARG B 426 -15.96 29.47 2.11
C ARG B 426 -15.77 27.96 2.19
N ALA B 427 -16.68 27.23 1.55
CA ALA B 427 -16.62 25.75 1.43
C ALA B 427 -17.46 25.29 0.24
N SER B 428 -17.02 24.22 -0.45
CA SER B 428 -17.84 23.34 -1.31
C SER B 428 -17.73 21.91 -0.80
N LEU B 429 -18.85 21.36 -0.32
CA LEU B 429 -18.94 20.08 0.45
C LEU B 429 -19.84 19.09 -0.29
N TYR B 430 -19.40 17.83 -0.35
CA TYR B 430 -20.10 16.66 -0.92
C TYR B 430 -20.36 15.69 0.23
N SER B 431 -21.49 15.86 0.90
CA SER B 431 -22.02 14.92 1.93
C SER B 431 -23.30 14.29 1.41
N ALA B 432 -23.26 13.05 0.90
CA ALA B 432 -24.46 12.39 0.32
C ALA B 432 -25.57 12.23 1.38
N ASN B 433 -25.21 12.18 2.66
CA ASN B 433 -26.17 11.96 3.79
C ASN B 433 -26.47 13.27 4.55
N GLY B 434 -26.18 14.42 3.96
CA GLY B 434 -26.61 15.71 4.52
C GLY B 434 -25.89 16.01 5.82
N GLY B 435 -26.58 16.64 6.78
CA GLY B 435 -25.95 17.12 8.01
C GLY B 435 -26.31 18.57 8.33
N ALA B 436 -26.09 18.95 9.57
CA ALA B 436 -26.57 20.23 10.13
C ALA B 436 -25.54 21.28 9.77
N PHE B 437 -25.99 22.51 9.58
CA PHE B 437 -25.16 23.68 9.23
C PHE B 437 -25.33 24.67 10.37
N LEU B 438 -24.43 24.60 11.36
CA LEU B 438 -24.54 25.32 12.65
C LEU B 438 -23.72 26.61 12.55
N VAL B 439 -24.33 27.75 12.85
CA VAL B 439 -23.64 29.06 12.96
C VAL B 439 -24.01 29.71 14.30
N SER B 440 -23.07 30.42 14.91
CA SER B 440 -23.21 31.09 16.22
C SER B 440 -22.23 32.26 16.21
N SER B 441 -22.69 33.51 16.09
CA SER B 441 -21.78 34.65 15.88
C SER B 441 -20.89 34.37 14.64
N ALA B 442 -21.54 34.07 13.51
CA ALA B 442 -20.91 33.86 12.19
C ALA B 442 -21.71 34.61 11.14
N MET B 443 -21.07 35.05 10.05
CA MET B 443 -21.76 35.75 8.94
C MET B 443 -20.87 35.78 7.67
N ALA B 444 -21.47 36.14 6.53
CA ALA B 444 -20.77 36.34 5.22
C ALA B 444 -20.04 35.06 4.79
N TRP B 445 -20.61 33.89 5.07
CA TRP B 445 -20.11 32.60 4.52
C TRP B 445 -20.67 32.41 3.10
N ASP B 446 -20.04 31.52 2.35
CA ASP B 446 -20.47 31.08 1.01
C ASP B 446 -20.13 29.60 0.91
N VAL B 447 -21.16 28.76 1.07
CA VAL B 447 -21.03 27.30 1.32
C VAL B 447 -21.95 26.64 0.33
N ARG B 448 -21.40 25.72 -0.45
CA ARG B 448 -22.10 25.01 -1.53
C ARG B 448 -22.11 23.53 -1.18
N LEU B 449 -23.30 22.95 -1.22
CA LEU B 449 -23.53 21.51 -0.96
C LEU B 449 -23.99 20.89 -2.27
N TYR B 450 -23.26 19.87 -2.69
CA TYR B 450 -23.51 19.03 -3.89
C TYR B 450 -23.93 17.63 -3.45
N GLY B 451 -24.92 17.08 -4.12
CA GLY B 451 -25.33 15.68 -3.94
C GLY B 451 -24.58 14.79 -4.91
N PRO B 452 -24.58 13.47 -4.69
CA PRO B 452 -23.95 12.55 -5.66
C PRO B 452 -24.69 12.53 -7.00
N GLY B 453 -23.93 12.29 -8.08
CA GLY B 453 -24.42 12.29 -9.48
C GLY B 453 -24.27 13.66 -10.13
N LEU B 454 -23.39 14.52 -9.60
CA LEU B 454 -23.12 15.90 -10.09
C LEU B 454 -24.45 16.58 -10.43
#